data_8GBI
# 
_entry.id   8GBI 
# 
_audit_conform.dict_name       mmcif_pdbx.dic 
_audit_conform.dict_version    5.396 
_audit_conform.dict_location   http://mmcif.pdb.org/dictionaries/ascii/mmcif_pdbx.dic 
# 
loop_
_database_2.database_id 
_database_2.database_code 
_database_2.pdbx_database_accession 
_database_2.pdbx_DOI 
PDB   8GBI         pdb_00008gbi 10.2210/pdb8gbi/pdb 
WWPDB D_1000272515 ?            ?                   
# 
loop_
_pdbx_audit_revision_history.ordinal 
_pdbx_audit_revision_history.data_content_type 
_pdbx_audit_revision_history.major_revision 
_pdbx_audit_revision_history.minor_revision 
_pdbx_audit_revision_history.revision_date 
1 'Structure model' 1 0 2023-11-15 
2 'Structure model' 2 0 2024-09-25 
# 
_pdbx_audit_revision_details.ordinal             1 
_pdbx_audit_revision_details.revision_ordinal    1 
_pdbx_audit_revision_details.data_content_type   'Structure model' 
_pdbx_audit_revision_details.provider            repository 
_pdbx_audit_revision_details.type                'Initial release' 
_pdbx_audit_revision_details.description         ? 
_pdbx_audit_revision_details.details             ? 
# 
loop_
_pdbx_audit_revision_group.ordinal 
_pdbx_audit_revision_group.revision_ordinal 
_pdbx_audit_revision_group.data_content_type 
_pdbx_audit_revision_group.group 
1 2 'Structure model' 'Atomic model'         
2 2 'Structure model' 'Data collection'      
3 2 'Structure model' 'Database references'  
4 2 'Structure model' 'Derived calculations' 
5 2 'Structure model' 'Polymer sequence'     
6 2 'Structure model' 'Source and taxonomy'  
7 2 'Structure model' 'Structure summary'    
# 
loop_
_pdbx_audit_revision_category.ordinal 
_pdbx_audit_revision_category.revision_ordinal 
_pdbx_audit_revision_category.data_content_type 
_pdbx_audit_revision_category.category 
1  2 'Structure model' atom_site                
2  2 'Structure model' atom_site_anisotrop      
3  2 'Structure model' entity                   
4  2 'Structure model' entity_poly              
5  2 'Structure model' entity_poly_seq          
6  2 'Structure model' pdbx_entity_nonpoly      
7  2 'Structure model' pdbx_entity_src_syn      
8  2 'Structure model' pdbx_nonpoly_scheme      
9  2 'Structure model' pdbx_poly_seq_scheme     
10 2 'Structure model' pdbx_struct_assembly_gen 
11 2 'Structure model' struct_asym              
12 2 'Structure model' struct_conf              
13 2 'Structure model' struct_conn              
14 2 'Structure model' struct_ref               
15 2 'Structure model' struct_ref_seq           
# 
loop_
_pdbx_audit_revision_item.ordinal 
_pdbx_audit_revision_item.revision_ordinal 
_pdbx_audit_revision_item.data_content_type 
_pdbx_audit_revision_item.item 
1  2 'Structure model' '_atom_site.B_iso_or_equiv'                 
2  2 'Structure model' '_atom_site.Cartn_x'                        
3  2 'Structure model' '_atom_site.Cartn_y'                        
4  2 'Structure model' '_atom_site.Cartn_z'                        
5  2 'Structure model' '_atom_site.auth_asym_id'                   
6  2 'Structure model' '_atom_site.auth_atom_id'                   
7  2 'Structure model' '_atom_site.auth_comp_id'                   
8  2 'Structure model' '_atom_site.auth_seq_id'                    
9  2 'Structure model' '_atom_site.group_PDB'                      
10 2 'Structure model' '_atom_site.label_alt_id'                   
11 2 'Structure model' '_atom_site.label_asym_id'                  
12 2 'Structure model' '_atom_site.label_atom_id'                  
13 2 'Structure model' '_atom_site.label_comp_id'                  
14 2 'Structure model' '_atom_site.label_entity_id'                
15 2 'Structure model' '_atom_site.label_seq_id'                   
16 2 'Structure model' '_atom_site.occupancy'                      
17 2 'Structure model' '_atom_site.type_symbol'                    
18 2 'Structure model' '_atom_site_anisotrop.U[1][1]'              
19 2 'Structure model' '_atom_site_anisotrop.U[1][2]'              
20 2 'Structure model' '_atom_site_anisotrop.U[1][3]'              
21 2 'Structure model' '_atom_site_anisotrop.U[2][2]'              
22 2 'Structure model' '_atom_site_anisotrop.U[2][3]'              
23 2 'Structure model' '_atom_site_anisotrop.U[3][3]'              
24 2 'Structure model' '_atom_site_anisotrop.id'                   
25 2 'Structure model' '_atom_site_anisotrop.pdbx_auth_asym_id'    
26 2 'Structure model' '_atom_site_anisotrop.pdbx_auth_atom_id'    
27 2 'Structure model' '_atom_site_anisotrop.pdbx_auth_comp_id'    
28 2 'Structure model' '_atom_site_anisotrop.pdbx_auth_seq_id'     
29 2 'Structure model' '_atom_site_anisotrop.pdbx_label_alt_id'    
30 2 'Structure model' '_atom_site_anisotrop.pdbx_label_asym_id'   
31 2 'Structure model' '_atom_site_anisotrop.pdbx_label_atom_id'   
32 2 'Structure model' '_atom_site_anisotrop.pdbx_label_comp_id'   
33 2 'Structure model' '_atom_site_anisotrop.pdbx_label_seq_id'    
34 2 'Structure model' '_atom_site_anisotrop.type_symbol'          
35 2 'Structure model' '_entity_poly.pdbx_seq_one_letter_code'     
36 2 'Structure model' '_entity_poly.pdbx_seq_one_letter_code_can' 
37 2 'Structure model' '_pdbx_entity_src_syn.pdbx_end_seq_num'     
38 2 'Structure model' '_pdbx_struct_assembly_gen.asym_id_list'    
39 2 'Structure model' '_struct_conf.beg_auth_comp_id'             
40 2 'Structure model' '_struct_conf.beg_auth_seq_id'              
41 2 'Structure model' '_struct_conf.beg_label_comp_id'            
42 2 'Structure model' '_struct_conf.beg_label_seq_id'             
43 2 'Structure model' '_struct_conf.end_label_seq_id'             
44 2 'Structure model' '_struct_conf.pdbx_PDB_helix_length'        
45 2 'Structure model' '_struct_conn.pdbx_dist_value'              
46 2 'Structure model' '_struct_conn.pdbx_leaving_atom_flag'       
47 2 'Structure model' '_struct_conn.pdbx_ptnr2_label_alt_id'      
48 2 'Structure model' '_struct_conn.ptnr1_auth_comp_id'           
49 2 'Structure model' '_struct_conn.ptnr1_auth_seq_id'            
50 2 'Structure model' '_struct_conn.ptnr1_label_atom_id'          
51 2 'Structure model' '_struct_conn.ptnr1_label_comp_id'          
52 2 'Structure model' '_struct_conn.ptnr1_label_seq_id'           
53 2 'Structure model' '_struct_conn.ptnr2_auth_comp_id'           
54 2 'Structure model' '_struct_conn.ptnr2_auth_seq_id'            
55 2 'Structure model' '_struct_conn.ptnr2_label_asym_id'          
56 2 'Structure model' '_struct_conn.ptnr2_label_atom_id'          
57 2 'Structure model' '_struct_conn.ptnr2_label_comp_id'          
58 2 'Structure model' '_struct_conn.ptnr2_label_seq_id'           
59 2 'Structure model' '_struct_ref.entity_id'                     
60 2 'Structure model' '_struct_ref_seq.seq_align_beg'             
61 2 'Structure model' '_struct_ref_seq.seq_align_end'             
# 
_pdbx_database_status.status_code                     REL 
_pdbx_database_status.status_code_sf                  REL 
_pdbx_database_status.status_code_mr                  ? 
_pdbx_database_status.entry_id                        8GBI 
_pdbx_database_status.recvd_initial_deposition_date   2023-02-26 
_pdbx_database_status.SG_entry                        N 
_pdbx_database_status.deposit_site                    RCSB 
_pdbx_database_status.process_site                    RCSB 
_pdbx_database_status.status_code_cs                  ? 
_pdbx_database_status.status_code_nmr_data            ? 
_pdbx_database_status.methods_development_category    ? 
_pdbx_database_status.pdb_format_compatible           Y 
# 
_pdbx_contact_author.id                 2 
_pdbx_contact_author.email              andyn@uic.edu 
_pdbx_contact_author.name_first         Andy 
_pdbx_contact_author.name_last          Nguyen 
_pdbx_contact_author.name_mi            I 
_pdbx_contact_author.role               'principal investigator/group leader' 
_pdbx_contact_author.identifier_ORCID   0000-0003-4137-6453 
# 
loop_
_audit_author.name 
_audit_author.pdbx_ordinal 
_audit_author.identifier_ORCID 
'Hess, S.S.'   1 0000-0002-2125-7679 
'Nguyen, A.I.' 2 0000-0003-4137-6453 
# 
loop_
_citation.abstract 
_citation.abstract_id_CAS 
_citation.book_id_ISBN 
_citation.book_publisher 
_citation.book_publisher_city 
_citation.book_title 
_citation.coordinate_linkage 
_citation.country 
_citation.database_id_Medline 
_citation.details 
_citation.id 
_citation.journal_abbrev 
_citation.journal_id_ASTM 
_citation.journal_id_CSD 
_citation.journal_id_ISSN 
_citation.journal_full 
_citation.journal_issue 
_citation.journal_volume 
_citation.language 
_citation.page_first 
_citation.page_last 
_citation.title 
_citation.year 
_citation.database_id_CSD 
_citation.pdbx_database_id_DOI 
_citation.pdbx_database_id_PubMed 
_citation.pdbx_database_id_patent 
_citation.unpublished_flag 
? ? ? ? ? ? ? US ? ? primary J.Am.Chem.Soc.                                   JACSAT ?    1520-5126 ? ? 145 ? 19588 19600 
'Noncovalent Peptide Assembly Enables Crystalline, Permutable, and Reactive Thiol Frameworks.' 2023 ? 10.1021/jacs.3c03645 
37639365 ? ? 
? ? ? ? ? ? ? DK ? ? 1       'Acta Crystallogr., Sect. D: Biol. Crystallogr.' ABCRE6 0766 0907-4449 ? ? 68  ? 352   67    
'Towards automated crystallographic structure refinement with phenix.refine.'                  2012 ? ?                    ? ? ? 
# 
loop_
_citation_author.citation_id 
_citation_author.name 
_citation_author.ordinal 
_citation_author.identifier_ORCID 
primary 'Hess, S.S.'    1  ?                   
primary 'Coppola, F.'   2  0000-0002-2429-204X 
primary 'Dang, V.T.'    3  ?                   
primary 'Tran, P.N.'    4  ?                   
primary 'Mickel, P.J.'  5  ?                   
primary 'Oktawiec, J.'  6  0000-0002-2895-3327 
primary 'Ren, Z.'       7  0000-0001-7098-3127 
primary 'Kral, P.'      8  0000-0003-2992-9027 
primary 'Nguyen, A.I.'  9  0000-0003-4137-6453 
1       'Afonine, P.V.' 10 ?                   
# 
loop_
_entity.id 
_entity.type 
_entity.src_method 
_entity.pdbx_description 
_entity.formula_weight 
_entity.pdbx_number_of_molecules 
_entity.pdbx_ec 
_entity.pdbx_mutation 
_entity.pdbx_fragment 
_entity.details 
1 polymer     syn 'bipyridyl-conjugated helical peptide' 1252.531 2 ? ? ? ? 
2 non-polymer syn ACETONITRILE                           41.052   2 ? ? ? ? 
3 water       nat water                                  18.015   6 ? ? ? ? 
# 
_entity_poly.entity_id                      1 
_entity_poly.type                           'polypeptide(L)' 
_entity_poly.nstd_linkage                   no 
_entity_poly.nstd_monomer                   yes 
_entity_poly.pdbx_seq_one_letter_code       '(NIO)L(AIB)ACLCC(AIB)L(I77)' 
_entity_poly.pdbx_seq_one_letter_code_can   XLAACLCCALX 
_entity_poly.pdbx_strand_id                 A,B 
_entity_poly.pdbx_target_identifier         ? 
# 
loop_
_pdbx_entity_nonpoly.entity_id 
_pdbx_entity_nonpoly.name 
_pdbx_entity_nonpoly.comp_id 
2 ACETONITRILE CCN 
3 water        HOH 
# 
loop_
_entity_poly_seq.entity_id 
_entity_poly_seq.num 
_entity_poly_seq.mon_id 
_entity_poly_seq.hetero 
1 1  NIO n 
1 2  LEU n 
1 3  AIB n 
1 4  ALA n 
1 5  CYS n 
1 6  LEU n 
1 7  CYS n 
1 8  CYS n 
1 9  AIB n 
1 10 LEU n 
1 11 I77 n 
# 
_pdbx_entity_src_syn.entity_id              1 
_pdbx_entity_src_syn.pdbx_src_id            1 
_pdbx_entity_src_syn.pdbx_alt_source_flag   sample 
_pdbx_entity_src_syn.pdbx_beg_seq_num       1 
_pdbx_entity_src_syn.pdbx_end_seq_num       11 
_pdbx_entity_src_syn.organism_scientific    'synthetic construct' 
_pdbx_entity_src_syn.organism_common_name   ? 
_pdbx_entity_src_syn.ncbi_taxonomy_id       32630 
_pdbx_entity_src_syn.details                ? 
# 
loop_
_chem_comp.id 
_chem_comp.type 
_chem_comp.mon_nstd_flag 
_chem_comp.name 
_chem_comp.pdbx_synonyms 
_chem_comp.formula 
_chem_comp.formula_weight 
AIB 'L-peptide linking' n 'ALPHA-AMINOISOBUTYRIC ACID'                            ? 'C4 H9 N O2'    103.120 
ALA 'L-peptide linking' y ALANINE                                                 ? 'C3 H7 N O2'    89.093  
CCN non-polymer         . ACETONITRILE                                            ? 'C2 H3 N'       41.052  
CYS 'L-peptide linking' y CYSTEINE                                                ? 'C3 H7 N O2 S'  121.158 
HOH non-polymer         . WATER                                                   ? 'H2 O'          18.015  
I77 non-polymer         . "5'-(hydrazinecarbonyl)[2,2'-bipyridine]-5-carboxamide" ? 'C12 H11 N5 O2' 257.248 
LEU 'L-peptide linking' y LEUCINE                                                 ? 'C6 H13 N O2'   131.173 
NIO non-polymer         . 'NICOTINIC ACID'                                        ? 'C6 H5 N O2'    123.109 
# 
loop_
_pdbx_poly_seq_scheme.asym_id 
_pdbx_poly_seq_scheme.entity_id 
_pdbx_poly_seq_scheme.seq_id 
_pdbx_poly_seq_scheme.mon_id 
_pdbx_poly_seq_scheme.ndb_seq_num 
_pdbx_poly_seq_scheme.pdb_seq_num 
_pdbx_poly_seq_scheme.auth_seq_num 
_pdbx_poly_seq_scheme.pdb_mon_id 
_pdbx_poly_seq_scheme.auth_mon_id 
_pdbx_poly_seq_scheme.pdb_strand_id 
_pdbx_poly_seq_scheme.pdb_ins_code 
_pdbx_poly_seq_scheme.hetero 
A 1 1  NIO 1  1  1  NIO NIO A . n 
A 1 2  LEU 2  2  2  LEU LEU A . n 
A 1 3  AIB 3  3  3  AIB AIB A . n 
A 1 4  ALA 4  4  4  ALA ALA A . n 
A 1 5  CYS 5  5  5  CYS CYS A . n 
A 1 6  LEU 6  6  6  LEU LEU A . n 
A 1 7  CYS 7  7  7  CYS CYS A . n 
A 1 8  CYS 8  8  8  CYS CYS A . n 
A 1 9  AIB 9  9  9  AIB AIB A . n 
A 1 10 LEU 10 10 10 LEU LEU A . n 
A 1 11 I77 11 11 11 I77 BPH A . n 
B 1 1  NIO 1  1  1  NIO NIO B . n 
B 1 2  LEU 2  2  2  LEU LEU B . n 
B 1 3  AIB 3  3  3  AIB AIB B . n 
B 1 4  ALA 4  4  4  ALA ALA B . n 
B 1 5  CYS 5  5  5  CYS CYS B . n 
B 1 6  LEU 6  6  6  LEU LEU B . n 
B 1 7  CYS 7  7  7  CYS CYS B . n 
B 1 8  CYS 8  8  8  CYS CYS B . n 
B 1 9  AIB 9  9  9  AIB AIB B . n 
B 1 10 LEU 10 10 10 LEU LEU B . n 
B 1 11 I77 11 11 11 I77 BPH B . n 
# 
loop_
_pdbx_nonpoly_scheme.asym_id 
_pdbx_nonpoly_scheme.entity_id 
_pdbx_nonpoly_scheme.mon_id 
_pdbx_nonpoly_scheme.ndb_seq_num 
_pdbx_nonpoly_scheme.pdb_seq_num 
_pdbx_nonpoly_scheme.auth_seq_num 
_pdbx_nonpoly_scheme.pdb_mon_id 
_pdbx_nonpoly_scheme.auth_mon_id 
_pdbx_nonpoly_scheme.pdb_strand_id 
_pdbx_nonpoly_scheme.pdb_ins_code 
C 2 CCN 1 201 103 CCN CCN A . 
D 2 CCN 1 202 104 CCN CCN A . 
E 3 HOH 1 301 2   HOH HOH A . 
E 3 HOH 2 302 3   HOH HOH A . 
E 3 HOH 3 303 5   HOH HOH A . 
F 3 HOH 1 201 1   HOH HOH B . 
F 3 HOH 2 202 4   HOH HOH B . 
F 3 HOH 3 203 6   HOH HOH B . 
# 
loop_
_software.citation_id 
_software.classification 
_software.compiler_name 
_software.compiler_version 
_software.contact_author 
_software.contact_author_email 
_software.date 
_software.description 
_software.dependencies 
_software.hardware 
_software.language 
_software.location 
_software.mods 
_software.name 
_software.os 
_software.os_version 
_software.type 
_software.version 
_software.pdbx_ordinal 
? refinement       ? ? ? ? ? ? ? ? ? ? ? PHENIX ? ? ? 1.19.2_4158 1 
? 'data reduction' ? ? ? ? ? ? ? ? ? ? ? XDS    ? ? ? .           2 
? 'data scaling'   ? ? ? ? ? ? ? ? ? ? ? XDS    ? ? ? .           3 
? phasing          ? ? ? ? ? ? ? ? ? ? ? PHASER ? ? ? .           4 
# 
_cell.angle_alpha                  76.315 
_cell.angle_alpha_esd              ? 
_cell.angle_beta                   80.384 
_cell.angle_beta_esd               ? 
_cell.angle_gamma                  89.966 
_cell.angle_gamma_esd              ? 
_cell.entry_id                     8GBI 
_cell.details                      ? 
_cell.formula_units_Z              ? 
_cell.length_a                     8.713 
_cell.length_a_esd                 ? 
_cell.length_b                     16.459 
_cell.length_b_esd                 ? 
_cell.length_c                     26.196 
_cell.length_c_esd                 ? 
_cell.volume                       3595.791 
_cell.volume_esd                   ? 
_cell.Z_PDB                        2 
_cell.reciprocal_angle_alpha       ? 
_cell.reciprocal_angle_beta        ? 
_cell.reciprocal_angle_gamma       ? 
_cell.reciprocal_angle_alpha_esd   ? 
_cell.reciprocal_angle_beta_esd    ? 
_cell.reciprocal_angle_gamma_esd   ? 
_cell.reciprocal_length_a          ? 
_cell.reciprocal_length_b          ? 
_cell.reciprocal_length_c          ? 
_cell.reciprocal_length_a_esd      ? 
_cell.reciprocal_length_b_esd      ? 
_cell.reciprocal_length_c_esd      ? 
_cell.pdbx_unique_axis             ? 
_cell.pdbx_esd_method              ? 
# 
_symmetry.entry_id                         8GBI 
_symmetry.cell_setting                     ? 
_symmetry.Int_Tables_number                1 
_symmetry.space_group_name_Hall            'P 1' 
_symmetry.space_group_name_H-M             'P 1' 
_symmetry.pdbx_full_space_group_name_H-M   ? 
# 
_exptl.absorpt_coefficient_mu     ? 
_exptl.absorpt_correction_T_max   ? 
_exptl.absorpt_correction_T_min   ? 
_exptl.absorpt_correction_type    ? 
_exptl.absorpt_process_details    ? 
_exptl.entry_id                   8GBI 
_exptl.crystals_number            1 
_exptl.details                    ? 
_exptl.method                     'X-RAY DIFFRACTION' 
_exptl.method_details             ? 
# 
_exptl_crystal.colour                       ? 
_exptl_crystal.density_diffrn               ? 
_exptl_crystal.density_Matthews             1.98 
_exptl_crystal.density_method               ? 
_exptl_crystal.density_percent_sol          37.87 
_exptl_crystal.description                  ? 
_exptl_crystal.F_000                        ? 
_exptl_crystal.id                           1 
_exptl_crystal.preparation                  ? 
_exptl_crystal.size_max                     ? 
_exptl_crystal.size_mid                     ? 
_exptl_crystal.size_min                     ? 
_exptl_crystal.size_rad                     ? 
_exptl_crystal.colour_lustre                ? 
_exptl_crystal.colour_modifier              ? 
_exptl_crystal.colour_primary               ? 
_exptl_crystal.density_meas                 ? 
_exptl_crystal.density_meas_esd             ? 
_exptl_crystal.density_meas_gt              ? 
_exptl_crystal.density_meas_lt              ? 
_exptl_crystal.density_meas_temp            ? 
_exptl_crystal.density_meas_temp_esd        ? 
_exptl_crystal.density_meas_temp_gt         ? 
_exptl_crystal.density_meas_temp_lt         ? 
_exptl_crystal.pdbx_crystal_image_url       ? 
_exptl_crystal.pdbx_crystal_image_format    ? 
_exptl_crystal.pdbx_mosaicity               ? 
_exptl_crystal.pdbx_mosaicity_esd           ? 
_exptl_crystal.pdbx_mosaic_method           ? 
_exptl_crystal.pdbx_mosaic_block_size       ? 
_exptl_crystal.pdbx_mosaic_block_size_esd   ? 
# 
_exptl_crystal_grow.apparatus       ? 
_exptl_crystal_grow.atmosphere      ? 
_exptl_crystal_grow.crystal_id      1 
_exptl_crystal_grow.details         ? 
_exptl_crystal_grow.method          'SLOW COOLING' 
_exptl_crystal_grow.method_ref      ? 
_exptl_crystal_grow.pH              ? 
_exptl_crystal_grow.pressure        ? 
_exptl_crystal_grow.pressure_esd    ? 
_exptl_crystal_grow.seeding         ? 
_exptl_crystal_grow.seeding_ref     ? 
_exptl_crystal_grow.temp_details    ? 
_exptl_crystal_grow.temp_esd        ? 
_exptl_crystal_grow.time            ? 
_exptl_crystal_grow.pdbx_details    Water/Acetonitrile 
_exptl_crystal_grow.pdbx_pH_range   ? 
_exptl_crystal_grow.temp            298 
# 
_diffrn.ambient_environment              ? 
_diffrn.ambient_temp                     100 
_diffrn.ambient_temp_details             ? 
_diffrn.ambient_temp_esd                 ? 
_diffrn.crystal_id                       1 
_diffrn.crystal_support                  ? 
_diffrn.crystal_treatment                ? 
_diffrn.details                          ? 
_diffrn.id                               1 
_diffrn.ambient_pressure                 ? 
_diffrn.ambient_pressure_esd             ? 
_diffrn.ambient_pressure_gt              ? 
_diffrn.ambient_pressure_lt              ? 
_diffrn.ambient_temp_gt                  ? 
_diffrn.ambient_temp_lt                  ? 
_diffrn.pdbx_serial_crystal_experiment   N 
# 
_diffrn_detector.details                      ? 
_diffrn_detector.detector                     PIXEL 
_diffrn_detector.diffrn_id                    1 
_diffrn_detector.type                         'DECTRIS EIGER X 9M' 
_diffrn_detector.area_resol_mean              ? 
_diffrn_detector.dtime                        ? 
_diffrn_detector.pdbx_frames_total            ? 
_diffrn_detector.pdbx_collection_time_total   ? 
_diffrn_detector.pdbx_collection_date         2022-03-11 
_diffrn_detector.pdbx_frequency               ? 
_diffrn_detector.id                           ? 
_diffrn_detector.number_of_axes               ? 
# 
_diffrn_radiation.collimation                      ? 
_diffrn_radiation.diffrn_id                        1 
_diffrn_radiation.filter_edge                      ? 
_diffrn_radiation.inhomogeneity                    ? 
_diffrn_radiation.monochromator                    ? 
_diffrn_radiation.polarisn_norm                    ? 
_diffrn_radiation.polarisn_ratio                   ? 
_diffrn_radiation.probe                            ? 
_diffrn_radiation.type                             ? 
_diffrn_radiation.xray_symbol                      ? 
_diffrn_radiation.wavelength_id                    1 
_diffrn_radiation.pdbx_monochromatic_or_laue_m_l   M 
_diffrn_radiation.pdbx_wavelength_list             ? 
_diffrn_radiation.pdbx_wavelength                  ? 
_diffrn_radiation.pdbx_diffrn_protocol             'SINGLE WAVELENGTH' 
_diffrn_radiation.pdbx_analyzer                    ? 
_diffrn_radiation.pdbx_scattering_type             x-ray 
# 
_diffrn_radiation_wavelength.id           1 
_diffrn_radiation_wavelength.wavelength   0.619920 
_diffrn_radiation_wavelength.wt           1.0 
# 
_diffrn_source.current                     ? 
_diffrn_source.details                     ? 
_diffrn_source.diffrn_id                   1 
_diffrn_source.power                       ? 
_diffrn_source.size                        ? 
_diffrn_source.source                      SYNCHROTRON 
_diffrn_source.target                      ? 
_diffrn_source.type                        'APS BEAMLINE 21-ID-D' 
_diffrn_source.voltage                     ? 
_diffrn_source.take-off_angle              ? 
_diffrn_source.pdbx_wavelength_list        0.619920 
_diffrn_source.pdbx_wavelength             ? 
_diffrn_source.pdbx_synchrotron_beamline   21-ID-D 
_diffrn_source.pdbx_synchrotron_site       APS 
# 
_reflns.B_iso_Wilson_estimate                          2.34 
_reflns.entry_id                                       8GBI 
_reflns.data_reduction_details                         ? 
_reflns.data_reduction_method                          ? 
_reflns.d_resolution_high                              0.95 
_reflns.d_resolution_low                               15.23 
_reflns.details                                        ? 
_reflns.limit_h_max                                    ? 
_reflns.limit_h_min                                    ? 
_reflns.limit_k_max                                    ? 
_reflns.limit_k_min                                    ? 
_reflns.limit_l_max                                    ? 
_reflns.limit_l_min                                    ? 
_reflns.number_all                                     ? 
_reflns.number_obs                                     13304 
_reflns.observed_criterion                             ? 
_reflns.observed_criterion_F_max                       ? 
_reflns.observed_criterion_F_min                       ? 
_reflns.observed_criterion_I_max                       ? 
_reflns.observed_criterion_I_min                       ? 
_reflns.observed_criterion_sigma_F                     ? 
_reflns.observed_criterion_sigma_I                     ? 
_reflns.percent_possible_obs                           88.44 
_reflns.R_free_details                                 ? 
_reflns.Rmerge_F_all                                   ? 
_reflns.Rmerge_F_obs                                   ? 
_reflns.Friedel_coverage                               ? 
_reflns.number_gt                                      ? 
_reflns.threshold_expression                           ? 
_reflns.pdbx_redundancy                                2.9 
_reflns.pdbx_netI_over_av_sigmaI                       ? 
_reflns.pdbx_netI_over_sigmaI                          12.37 
_reflns.pdbx_res_netI_over_av_sigmaI_2                 ? 
_reflns.pdbx_res_netI_over_sigmaI_2                    ? 
_reflns.pdbx_chi_squared                               ? 
_reflns.pdbx_scaling_rejects                           ? 
_reflns.pdbx_d_res_high_opt                            ? 
_reflns.pdbx_d_res_low_opt                             ? 
_reflns.pdbx_d_res_opt_method                          ? 
_reflns.phase_calculation_details                      ? 
_reflns.pdbx_Rrim_I_all                                ? 
_reflns.pdbx_Rpim_I_all                                ? 
_reflns.pdbx_d_opt                                     ? 
_reflns.pdbx_number_measured_all                       ? 
_reflns.pdbx_diffrn_id                                 1 
_reflns.pdbx_ordinal                                   1 
_reflns.pdbx_CC_half                                   ? 
_reflns.pdbx_CC_star                                   ? 
_reflns.pdbx_R_split                                   ? 
_reflns.pdbx_Rmerge_I_obs                              0.2721 
_reflns.pdbx_Rmerge_I_all                              ? 
_reflns.pdbx_Rsym_value                                ? 
_reflns.pdbx_CC_split_method                           ? 
_reflns.pdbx_aniso_diffraction_limit_axis_1_ortho[1]   ? 
_reflns.pdbx_aniso_diffraction_limit_axis_1_ortho[2]   ? 
_reflns.pdbx_aniso_diffraction_limit_axis_1_ortho[3]   ? 
_reflns.pdbx_aniso_diffraction_limit_axis_2_ortho[1]   ? 
_reflns.pdbx_aniso_diffraction_limit_axis_2_ortho[2]   ? 
_reflns.pdbx_aniso_diffraction_limit_axis_2_ortho[3]   ? 
_reflns.pdbx_aniso_diffraction_limit_axis_3_ortho[1]   ? 
_reflns.pdbx_aniso_diffraction_limit_axis_3_ortho[2]   ? 
_reflns.pdbx_aniso_diffraction_limit_axis_3_ortho[3]   ? 
_reflns.pdbx_aniso_diffraction_limit_1                 ? 
_reflns.pdbx_aniso_diffraction_limit_2                 ? 
_reflns.pdbx_aniso_diffraction_limit_3                 ? 
_reflns.pdbx_aniso_B_tensor_eigenvector_1_ortho[1]     ? 
_reflns.pdbx_aniso_B_tensor_eigenvector_1_ortho[2]     ? 
_reflns.pdbx_aniso_B_tensor_eigenvector_1_ortho[3]     ? 
_reflns.pdbx_aniso_B_tensor_eigenvector_2_ortho[1]     ? 
_reflns.pdbx_aniso_B_tensor_eigenvector_2_ortho[2]     ? 
_reflns.pdbx_aniso_B_tensor_eigenvector_2_ortho[3]     ? 
_reflns.pdbx_aniso_B_tensor_eigenvector_3_ortho[1]     ? 
_reflns.pdbx_aniso_B_tensor_eigenvector_3_ortho[2]     ? 
_reflns.pdbx_aniso_B_tensor_eigenvector_3_ortho[3]     ? 
_reflns.pdbx_aniso_B_tensor_eigenvalue_1               ? 
_reflns.pdbx_aniso_B_tensor_eigenvalue_2               ? 
_reflns.pdbx_aniso_B_tensor_eigenvalue_3               ? 
_reflns.pdbx_orthogonalization_convention              ? 
_reflns.pdbx_percent_possible_ellipsoidal              ? 
_reflns.pdbx_percent_possible_spherical                ? 
_reflns.pdbx_percent_possible_ellipsoidal_anomalous    ? 
_reflns.pdbx_percent_possible_spherical_anomalous      ? 
_reflns.pdbx_redundancy_anomalous                      ? 
_reflns.pdbx_CC_half_anomalous                         ? 
_reflns.pdbx_absDiff_over_sigma_anomalous              ? 
_reflns.pdbx_percent_possible_anomalous                ? 
_reflns.pdbx_observed_signal_threshold                 ? 
_reflns.pdbx_signal_type                               ? 
_reflns.pdbx_signal_details                            ? 
_reflns.pdbx_signal_software_id                        ? 
# 
_reflns_shell.d_res_high                                    0.95 
_reflns_shell.d_res_low                                     0.984 
_reflns_shell.meanI_over_sigI_all                           ? 
_reflns_shell.meanI_over_sigI_obs                           ? 
_reflns_shell.number_measured_all                           ? 
_reflns_shell.number_measured_obs                           ? 
_reflns_shell.number_possible                               ? 
_reflns_shell.number_unique_all                             ? 
_reflns_shell.number_unique_obs                             788 
_reflns_shell.percent_possible_obs                          ? 
_reflns_shell.Rmerge_F_all                                  ? 
_reflns_shell.Rmerge_F_obs                                  ? 
_reflns_shell.meanI_over_sigI_gt                            ? 
_reflns_shell.meanI_over_uI_all                             ? 
_reflns_shell.meanI_over_uI_gt                              ? 
_reflns_shell.number_measured_gt                            ? 
_reflns_shell.number_unique_gt                              ? 
_reflns_shell.percent_possible_gt                           ? 
_reflns_shell.Rmerge_F_gt                                   ? 
_reflns_shell.Rmerge_I_gt                                   ? 
_reflns_shell.pdbx_redundancy                               ? 
_reflns_shell.pdbx_chi_squared                              ? 
_reflns_shell.pdbx_netI_over_sigmaI_all                     ? 
_reflns_shell.pdbx_netI_over_sigmaI_obs                     ? 
_reflns_shell.pdbx_Rrim_I_all                               ? 
_reflns_shell.pdbx_Rpim_I_all                               ? 
_reflns_shell.pdbx_rejects                                  ? 
_reflns_shell.pdbx_ordinal                                  1 
_reflns_shell.pdbx_diffrn_id                                1 
_reflns_shell.pdbx_CC_half                                  ? 
_reflns_shell.pdbx_CC_star                                  ? 
_reflns_shell.pdbx_R_split                                  ? 
_reflns_shell.percent_possible_all                          ? 
_reflns_shell.Rmerge_I_all                                  ? 
_reflns_shell.Rmerge_I_obs                                  0.2346 
_reflns_shell.pdbx_Rsym_value                               ? 
_reflns_shell.pdbx_percent_possible_ellipsoidal             ? 
_reflns_shell.pdbx_percent_possible_spherical               ? 
_reflns_shell.pdbx_percent_possible_ellipsoidal_anomalous   ? 
_reflns_shell.pdbx_percent_possible_spherical_anomalous     ? 
_reflns_shell.pdbx_redundancy_anomalous                     ? 
_reflns_shell.pdbx_CC_half_anomalous                        ? 
_reflns_shell.pdbx_absDiff_over_sigma_anomalous             ? 
_reflns_shell.pdbx_percent_possible_anomalous               ? 
# 
_refine.aniso_B[1][1]                            ? 
_refine.aniso_B[1][2]                            ? 
_refine.aniso_B[1][3]                            ? 
_refine.aniso_B[2][2]                            ? 
_refine.aniso_B[2][3]                            ? 
_refine.aniso_B[3][3]                            ? 
_refine.B_iso_max                                ? 
_refine.B_iso_mean                               2.82 
_refine.B_iso_min                                ? 
_refine.correlation_coeff_Fo_to_Fc               ? 
_refine.correlation_coeff_Fo_to_Fc_free          ? 
_refine.details                                  ? 
_refine.diff_density_max                         ? 
_refine.diff_density_max_esd                     ? 
_refine.diff_density_min                         ? 
_refine.diff_density_min_esd                     ? 
_refine.diff_density_rms                         ? 
_refine.diff_density_rms_esd                     ? 
_refine.entry_id                                 8GBI 
_refine.pdbx_refine_id                           'X-RAY DIFFRACTION' 
_refine.ls_abs_structure_details                 ? 
_refine.ls_abs_structure_Flack                   ? 
_refine.ls_abs_structure_Flack_esd               ? 
_refine.ls_abs_structure_Rogers                  ? 
_refine.ls_abs_structure_Rogers_esd              ? 
_refine.ls_d_res_high                            0.95 
_refine.ls_d_res_low                             15.23 
_refine.ls_extinction_coef                       ? 
_refine.ls_extinction_coef_esd                   ? 
_refine.ls_extinction_expression                 ? 
_refine.ls_extinction_method                     ? 
_refine.ls_goodness_of_fit_all                   ? 
_refine.ls_goodness_of_fit_all_esd               ? 
_refine.ls_goodness_of_fit_obs                   ? 
_refine.ls_goodness_of_fit_obs_esd               ? 
_refine.ls_hydrogen_treatment                    ? 
_refine.ls_matrix_type                           ? 
_refine.ls_number_constraints                    ? 
_refine.ls_number_parameters                     ? 
_refine.ls_number_reflns_all                     ? 
_refine.ls_number_reflns_obs                     13304 
_refine.ls_number_reflns_R_free                  1354 
_refine.ls_number_reflns_R_work                  11950 
_refine.ls_number_restraints                     ? 
_refine.ls_percent_reflns_obs                    75.69 
_refine.ls_percent_reflns_R_free                 10.18 
_refine.ls_R_factor_all                          ? 
_refine.ls_R_factor_obs                          0.1580 
_refine.ls_R_factor_R_free                       0.1699 
_refine.ls_R_factor_R_free_error                 ? 
_refine.ls_R_factor_R_free_error_details         ? 
_refine.ls_R_factor_R_work                       0.1567 
_refine.ls_R_Fsqd_factor_obs                     ? 
_refine.ls_R_I_factor_obs                        ? 
_refine.ls_redundancy_reflns_all                 ? 
_refine.ls_redundancy_reflns_obs                 ? 
_refine.ls_restrained_S_all                      ? 
_refine.ls_restrained_S_obs                      ? 
_refine.ls_shift_over_esd_max                    ? 
_refine.ls_shift_over_esd_mean                   ? 
_refine.ls_structure_factor_coef                 ? 
_refine.ls_weighting_details                     ? 
_refine.ls_weighting_scheme                      ? 
_refine.ls_wR_factor_all                         ? 
_refine.ls_wR_factor_obs                         ? 
_refine.ls_wR_factor_R_free                      ? 
_refine.ls_wR_factor_R_work                      ? 
_refine.occupancy_max                            ? 
_refine.occupancy_min                            ? 
_refine.solvent_model_details                    'FLAT BULK SOLVENT MODEL' 
_refine.solvent_model_param_bsol                 ? 
_refine.solvent_model_param_ksol                 ? 
_refine.pdbx_R_complete                          ? 
_refine.ls_R_factor_gt                           ? 
_refine.ls_goodness_of_fit_gt                    ? 
_refine.ls_goodness_of_fit_ref                   ? 
_refine.ls_shift_over_su_max                     ? 
_refine.ls_shift_over_su_max_lt                  ? 
_refine.ls_shift_over_su_mean                    ? 
_refine.ls_shift_over_su_mean_lt                 ? 
_refine.pdbx_ls_sigma_I                          ? 
_refine.pdbx_ls_sigma_F                          1.96 
_refine.pdbx_ls_sigma_Fsqd                       ? 
_refine.pdbx_data_cutoff_high_absF               ? 
_refine.pdbx_data_cutoff_high_rms_absF           ? 
_refine.pdbx_data_cutoff_low_absF                ? 
_refine.pdbx_isotropic_thermal_model             ? 
_refine.pdbx_ls_cross_valid_method               'FREE R-VALUE' 
_refine.pdbx_method_to_determine_struct          'MOLECULAR REPLACEMENT' 
_refine.pdbx_starting_model                      ? 
_refine.pdbx_stereochemistry_target_values       'GeoStd + Monomer Library + CDL v1.2' 
_refine.pdbx_R_Free_selection_details            ? 
_refine.pdbx_stereochem_target_val_spec_case     ? 
_refine.pdbx_overall_ESU_R                       ? 
_refine.pdbx_overall_ESU_R_Free                  ? 
_refine.pdbx_solvent_vdw_probe_radii             1.1100 
_refine.pdbx_solvent_ion_probe_radii             ? 
_refine.pdbx_solvent_shrinkage_radii             0.9000 
_refine.pdbx_real_space_R                        ? 
_refine.pdbx_density_correlation                 ? 
_refine.pdbx_pd_number_of_powder_patterns        ? 
_refine.pdbx_pd_number_of_points                 ? 
_refine.pdbx_pd_meas_number_of_points            ? 
_refine.pdbx_pd_proc_ls_prof_R_factor            ? 
_refine.pdbx_pd_proc_ls_prof_wR_factor           ? 
_refine.pdbx_pd_Marquardt_correlation_coeff      ? 
_refine.pdbx_pd_Fsqrd_R_factor                   ? 
_refine.pdbx_pd_ls_matrix_band_width             ? 
_refine.pdbx_overall_phase_error                 19.5496 
_refine.pdbx_overall_SU_R_free_Cruickshank_DPI   ? 
_refine.pdbx_overall_SU_R_free_Blow_DPI          ? 
_refine.pdbx_overall_SU_R_Blow_DPI               ? 
_refine.pdbx_TLS_residual_ADP_flag               ? 
_refine.pdbx_diffrn_id                           1 
_refine.overall_SU_B                             ? 
_refine.overall_SU_ML                            0.0736 
_refine.overall_SU_R_Cruickshank_DPI             ? 
_refine.overall_SU_R_free                        ? 
_refine.overall_FOM_free_R_set                   ? 
_refine.overall_FOM_work_R_set                   ? 
_refine.pdbx_average_fsc_overall                 ? 
_refine.pdbx_average_fsc_work                    ? 
_refine.pdbx_average_fsc_free                    ? 
# 
_refine_hist.pdbx_refine_id                   'X-RAY DIFFRACTION' 
_refine_hist.cycle_id                         LAST 
_refine_hist.details                          ? 
_refine_hist.d_res_high                       0.95 
_refine_hist.d_res_low                        15.23 
_refine_hist.number_atoms_solvent             6 
_refine_hist.number_atoms_total               184 
_refine_hist.number_reflns_all                ? 
_refine_hist.number_reflns_obs                ? 
_refine_hist.number_reflns_R_free             ? 
_refine_hist.number_reflns_R_work             ? 
_refine_hist.R_factor_all                     ? 
_refine_hist.R_factor_obs                     ? 
_refine_hist.R_factor_R_free                  ? 
_refine_hist.R_factor_R_work                  ? 
_refine_hist.pdbx_number_residues_total       ? 
_refine_hist.pdbx_B_iso_mean_ligand           ? 
_refine_hist.pdbx_B_iso_mean_solvent          ? 
_refine_hist.pdbx_number_atoms_protein        118 
_refine_hist.pdbx_number_atoms_nucleic_acid   0 
_refine_hist.pdbx_number_atoms_ligand         60 
_refine_hist.pdbx_number_atoms_lipid          ? 
_refine_hist.pdbx_number_atoms_carb           ? 
_refine_hist.pdbx_pseudo_atom_details         ? 
# 
loop_
_refine_ls_restr.pdbx_refine_id 
_refine_ls_restr.criterion 
_refine_ls_restr.dev_ideal 
_refine_ls_restr.dev_ideal_target 
_refine_ls_restr.number 
_refine_ls_restr.rejects 
_refine_ls_restr.type 
_refine_ls_restr.weight 
_refine_ls_restr.pdbx_restraint_function 
'X-RAY DIFFRACTION' ? 0.0160  ? 176 ? f_bond_d           ? ? 
'X-RAY DIFFRACTION' ? 1.9485  ? 236 ? f_angle_d          ? ? 
'X-RAY DIFFRACTION' ? 0.0604  ? 20  ? f_chiral_restr     ? ? 
'X-RAY DIFFRACTION' ? 0.0120  ? 26  ? f_plane_restr      ? ? 
'X-RAY DIFFRACTION' ? 28.0120 ? 26  ? f_dihedral_angle_d ? ? 
# 
loop_
_refine_ls_shell.pdbx_refine_id 
_refine_ls_shell.d_res_high 
_refine_ls_shell.d_res_low 
_refine_ls_shell.number_reflns_all 
_refine_ls_shell.number_reflns_obs 
_refine_ls_shell.number_reflns_R_free 
_refine_ls_shell.number_reflns_R_work 
_refine_ls_shell.percent_reflns_obs 
_refine_ls_shell.percent_reflns_R_free 
_refine_ls_shell.R_factor_all 
_refine_ls_shell.R_factor_obs 
_refine_ls_shell.R_factor_R_free_error 
_refine_ls_shell.R_factor_R_work 
_refine_ls_shell.redundancy_reflns_all 
_refine_ls_shell.redundancy_reflns_obs 
_refine_ls_shell.wR_factor_all 
_refine_ls_shell.wR_factor_obs 
_refine_ls_shell.wR_factor_R_free 
_refine_ls_shell.wR_factor_R_work 
_refine_ls_shell.pdbx_R_complete 
_refine_ls_shell.pdbx_total_number_of_bins_used 
_refine_ls_shell.pdbx_phase_error 
_refine_ls_shell.pdbx_fsc_work 
_refine_ls_shell.pdbx_fsc_free 
_refine_ls_shell.R_factor_R_free 
'X-RAY DIFFRACTION' 0.95 0.98  . . 157 1241 80.81 . . . . 0.1564 . . . . . . . . . . . 0.1803 
'X-RAY DIFFRACTION' 0.98 1.02  . . 136 1276 79.59 . . . . 0.1438 . . . . . . . . . . . 0.1921 
'X-RAY DIFFRACTION' 1.02 1.07  . . 127 1263 78.62 . . . . 0.1431 . . . . . . . . . . . 0.1566 
'X-RAY DIFFRACTION' 1.07 1.13  . . 138 1180 76.36 . . . . 0.1296 . . . . . . . . . . . 0.1681 
'X-RAY DIFFRACTION' 1.13 1.20  . . 143 1219 74.92 . . . . 0.1332 . . . . . . . . . . . 0.1292 
'X-RAY DIFFRACTION' 1.20 1.29  . . 138 1028 68.03 . . . . 0.1427 . . . . . . . . . . . 0.1594 
'X-RAY DIFFRACTION' 1.29 1.42  . . 139 1273 79.15 . . . . 0.1589 . . . . . . . . . . . 0.1412 
'X-RAY DIFFRACTION' 1.42 1.62  . . 135 1189 75.83 . . . . 0.1516 . . . . . . . . . . . 0.1953 
'X-RAY DIFFRACTION' 1.62 2.04  . . 120 1157 72.89 . . . . 0.1675 . . . . . . . . . . . 0.1607 
'X-RAY DIFFRACTION' 2.05 15.23 . . 121 1124 70.82 . . . . 0.1854 . . . . . . . . . . . 0.1961 
# 
_struct.entry_id                     8GBI 
_struct.title                        'Porous framework formed by assembly of a bipyridyl-conjugated helical peptide' 
_struct.pdbx_model_details           ? 
_struct.pdbx_formula_weight          ? 
_struct.pdbx_formula_weight_method   ? 
_struct.pdbx_model_type_details      ? 
_struct.pdbx_CASP_flag               N 
# 
_struct_keywords.entry_id        8GBI 
_struct_keywords.text            'DE NOVO PROTEIN' 
_struct_keywords.pdbx_keywords   'DE NOVO PROTEIN' 
# 
loop_
_struct_asym.id 
_struct_asym.pdbx_blank_PDB_chainid_flag 
_struct_asym.pdbx_modified 
_struct_asym.entity_id 
_struct_asym.details 
A N N 1 ? 
B N N 1 ? 
C N N 2 ? 
D N N 2 ? 
E N N 3 ? 
F N N 3 ? 
# 
_struct_ref.id                         1 
_struct_ref.db_name                    PDB 
_struct_ref.db_code                    8GBI 
_struct_ref.pdbx_db_accession          8GBI 
_struct_ref.pdbx_db_isoform            ? 
_struct_ref.entity_id                  2 
_struct_ref.pdbx_seq_one_letter_code   ? 
_struct_ref.pdbx_align_begin           1 
# 
loop_
_struct_ref_seq.align_id 
_struct_ref_seq.ref_id 
_struct_ref_seq.pdbx_PDB_id_code 
_struct_ref_seq.pdbx_strand_id 
_struct_ref_seq.seq_align_beg 
_struct_ref_seq.pdbx_seq_align_beg_ins_code 
_struct_ref_seq.seq_align_end 
_struct_ref_seq.pdbx_seq_align_end_ins_code 
_struct_ref_seq.pdbx_db_accession 
_struct_ref_seq.db_align_beg 
_struct_ref_seq.pdbx_db_align_beg_ins_code 
_struct_ref_seq.db_align_end 
_struct_ref_seq.pdbx_db_align_end_ins_code 
_struct_ref_seq.pdbx_auth_seq_align_beg 
_struct_ref_seq.pdbx_auth_seq_align_end 
1 1 8GBI A 2 ? 10 ? 8GBI 2 ? 10 ? 2 10 
2 1 8GBI B 2 ? 10 ? 8GBI 2 ? 10 ? 2 10 
# 
_pdbx_struct_assembly.id                   1 
_pdbx_struct_assembly.details              author_defined_assembly 
_pdbx_struct_assembly.method_details       ? 
_pdbx_struct_assembly.oligomeric_details   dimeric 
_pdbx_struct_assembly.oligomeric_count     2 
# 
_pdbx_struct_assembly_gen.assembly_id       1 
_pdbx_struct_assembly_gen.oper_expression   1 
_pdbx_struct_assembly_gen.asym_id_list      A,B,C,D,E,F 
# 
_pdbx_struct_assembly_auth_evidence.id                     1 
_pdbx_struct_assembly_auth_evidence.assembly_id            1 
_pdbx_struct_assembly_auth_evidence.experimental_support   none 
_pdbx_struct_assembly_auth_evidence.details                ? 
# 
_pdbx_struct_oper_list.id                   1 
_pdbx_struct_oper_list.type                 'identity operation' 
_pdbx_struct_oper_list.name                 1_555 
_pdbx_struct_oper_list.symmetry_operation   x,y,z 
_pdbx_struct_oper_list.matrix[1][1]         1.0000000000 
_pdbx_struct_oper_list.matrix[1][2]         0.0000000000 
_pdbx_struct_oper_list.matrix[1][3]         0.0000000000 
_pdbx_struct_oper_list.vector[1]            0.0000000000 
_pdbx_struct_oper_list.matrix[2][1]         0.0000000000 
_pdbx_struct_oper_list.matrix[2][2]         1.0000000000 
_pdbx_struct_oper_list.matrix[2][3]         0.0000000000 
_pdbx_struct_oper_list.vector[2]            0.0000000000 
_pdbx_struct_oper_list.matrix[3][1]         0.0000000000 
_pdbx_struct_oper_list.matrix[3][2]         0.0000000000 
_pdbx_struct_oper_list.matrix[3][3]         1.0000000000 
_pdbx_struct_oper_list.vector[3]            0.0000000000 
# 
loop_
_struct_conf.conf_type_id 
_struct_conf.id 
_struct_conf.pdbx_PDB_helix_id 
_struct_conf.beg_label_comp_id 
_struct_conf.beg_label_asym_id 
_struct_conf.beg_label_seq_id 
_struct_conf.pdbx_beg_PDB_ins_code 
_struct_conf.end_label_comp_id 
_struct_conf.end_label_asym_id 
_struct_conf.end_label_seq_id 
_struct_conf.pdbx_end_PDB_ins_code 
_struct_conf.beg_auth_comp_id 
_struct_conf.beg_auth_asym_id 
_struct_conf.beg_auth_seq_id 
_struct_conf.end_auth_comp_id 
_struct_conf.end_auth_asym_id 
_struct_conf.end_auth_seq_id 
_struct_conf.pdbx_PDB_helix_class 
_struct_conf.details 
_struct_conf.pdbx_PDB_helix_length 
HELX_P HELX_P1 AA1 AIB A 3 ? LEU A 10 ? AIB A 3 LEU A 10 1 ? 8 
HELX_P HELX_P2 AA2 AIB B 3 ? LEU B 10 ? AIB B 3 LEU B 10 1 ? 8 
# 
_struct_conf_type.id          HELX_P 
_struct_conf_type.criteria    ? 
_struct_conf_type.reference   ? 
# 
loop_
_struct_conn.id 
_struct_conn.conn_type_id 
_struct_conn.pdbx_leaving_atom_flag 
_struct_conn.pdbx_PDB_id 
_struct_conn.ptnr1_label_asym_id 
_struct_conn.ptnr1_label_comp_id 
_struct_conn.ptnr1_label_seq_id 
_struct_conn.ptnr1_label_atom_id 
_struct_conn.pdbx_ptnr1_label_alt_id 
_struct_conn.pdbx_ptnr1_PDB_ins_code 
_struct_conn.pdbx_ptnr1_standard_comp_id 
_struct_conn.ptnr1_symmetry 
_struct_conn.ptnr2_label_asym_id 
_struct_conn.ptnr2_label_comp_id 
_struct_conn.ptnr2_label_seq_id 
_struct_conn.ptnr2_label_atom_id 
_struct_conn.pdbx_ptnr2_label_alt_id 
_struct_conn.pdbx_ptnr2_PDB_ins_code 
_struct_conn.ptnr1_auth_asym_id 
_struct_conn.ptnr1_auth_comp_id 
_struct_conn.ptnr1_auth_seq_id 
_struct_conn.ptnr2_auth_asym_id 
_struct_conn.ptnr2_auth_comp_id 
_struct_conn.ptnr2_auth_seq_id 
_struct_conn.ptnr2_symmetry 
_struct_conn.pdbx_ptnr3_label_atom_id 
_struct_conn.pdbx_ptnr3_label_seq_id 
_struct_conn.pdbx_ptnr3_label_comp_id 
_struct_conn.pdbx_ptnr3_label_asym_id 
_struct_conn.pdbx_ptnr3_label_alt_id 
_struct_conn.pdbx_ptnr3_PDB_ins_code 
_struct_conn.details 
_struct_conn.pdbx_dist_value 
_struct_conn.pdbx_value_order 
_struct_conn.pdbx_role 
covale1  covale one  ? A NIO 1  C6 ? ? ? 1_555 A LEU 2  N   ? ? A NIO 1  A LEU 2  1_555 ? ? ? ? ? ? ? 1.410 ? ? 
covale2  covale both ? A LEU 2  C  ? ? ? 1_555 A AIB 3  N   A ? A LEU 2  A AIB 3  1_555 ? ? ? ? ? ? ? 1.338 ? ? 
covale3  covale both ? A AIB 3  C  A ? ? 1_555 A ALA 4  N   ? ? A AIB 3  A ALA 4  1_555 ? ? ? ? ? ? ? 1.332 ? ? 
covale4  covale both ? A CYS 8  C  ? ? ? 1_555 A AIB 9  N   ? ? A CYS 8  A AIB 9  1_555 ? ? ? ? ? ? ? 1.328 ? ? 
covale5  covale both ? A AIB 9  C  ? ? ? 1_555 A LEU 10 N   ? ? A AIB 9  A LEU 10 1_555 ? ? ? ? ? ? ? 1.342 ? ? 
covale6  covale one  ? A LEU 10 C  ? ? ? 1_555 A I77 11 N15 ? ? A LEU 10 A I77 11 1_555 ? ? ? ? ? ? ? 1.421 ? ? 
covale7  covale one  ? B NIO 1  C6 ? ? ? 1_555 B LEU 2  N   ? ? B NIO 1  B LEU 2  1_555 ? ? ? ? ? ? ? 1.406 ? ? 
covale8  covale both ? B LEU 2  C  ? ? ? 1_555 B AIB 3  N   A ? B LEU 2  B AIB 3  1_555 ? ? ? ? ? ? ? 1.334 ? ? 
covale9  covale both ? B AIB 3  C  A ? ? 1_555 B ALA 4  N   ? ? B AIB 3  B ALA 4  1_555 ? ? ? ? ? ? ? 1.339 ? ? 
covale10 covale both ? B CYS 8  C  ? ? ? 1_555 B AIB 9  N   ? ? B CYS 8  B AIB 9  1_555 ? ? ? ? ? ? ? 1.324 ? ? 
covale11 covale both ? B AIB 9  C  ? ? ? 1_555 B LEU 10 N   ? ? B AIB 9  B LEU 10 1_555 ? ? ? ? ? ? ? 1.334 ? ? 
covale12 covale one  ? B LEU 10 C  ? ? ? 1_555 B I77 11 N15 ? ? B LEU 10 B I77 11 1_555 ? ? ? ? ? ? ? 1.420 ? ? 
# 
_struct_conn_type.id          covale 
_struct_conn_type.criteria    ? 
_struct_conn_type.reference   ? 
# 
_pdbx_entry_details.entry_id                   8GBI 
_pdbx_entry_details.has_ligand_of_interest     N 
_pdbx_entry_details.compound_details           ? 
_pdbx_entry_details.source_details             ? 
_pdbx_entry_details.nonpolymer_details         ? 
_pdbx_entry_details.sequence_details           ? 
_pdbx_entry_details.has_protein_modification   ? 
# 
_space_group_symop.id              1 
_space_group_symop.operation_xyz   x,y,z 
# 
loop_
_chem_comp_atom.comp_id 
_chem_comp_atom.atom_id 
_chem_comp_atom.type_symbol 
_chem_comp_atom.pdbx_aromatic_flag 
_chem_comp_atom.pdbx_stereo_config 
_chem_comp_atom.pdbx_ordinal 
AIB N    N N N 1   
AIB CA   C N N 2   
AIB C    C N N 3   
AIB O    O N N 4   
AIB OXT  O N N 5   
AIB CB1  C N N 6   
AIB CB2  C N N 7   
AIB H    H N N 8   
AIB H2   H N N 9   
AIB HXT  H N N 10  
AIB HB11 H N N 11  
AIB HB12 H N N 12  
AIB HB13 H N N 13  
AIB HB21 H N N 14  
AIB HB22 H N N 15  
AIB HB23 H N N 16  
ALA N    N N N 17  
ALA CA   C N S 18  
ALA C    C N N 19  
ALA O    O N N 20  
ALA CB   C N N 21  
ALA OXT  O N N 22  
ALA H    H N N 23  
ALA H2   H N N 24  
ALA HA   H N N 25  
ALA HB1  H N N 26  
ALA HB2  H N N 27  
ALA HB3  H N N 28  
ALA HXT  H N N 29  
CCN N    N N N 30  
CCN C1   C N N 31  
CCN C2   C N N 32  
CCN H21  H N N 33  
CCN H22  H N N 34  
CCN H23  H N N 35  
CYS N    N N N 36  
CYS CA   C N R 37  
CYS C    C N N 38  
CYS O    O N N 39  
CYS CB   C N N 40  
CYS SG   S N N 41  
CYS OXT  O N N 42  
CYS H    H N N 43  
CYS H2   H N N 44  
CYS HA   H N N 45  
CYS HB2  H N N 46  
CYS HB3  H N N 47  
CYS HG   H N N 48  
CYS HXT  H N N 49  
HOH O    O N N 50  
HOH H1   H N N 51  
HOH H2   H N N 52  
I77 C11  C Y N 53  
I77 C12  C Y N 54  
I77 C13  C N N 55  
I77 C17  C Y N 56  
I77 C18  C Y N 57  
I77 C02  C N N 58  
I77 C03  C Y N 59  
I77 C04  C Y N 60  
I77 C05  C Y N 61  
I77 C06  C Y N 62  
I77 C08  C Y N 63  
I77 C09  C Y N 64  
I77 N01  N N N 65  
I77 N07  N Y N 66  
I77 N10  N Y N 67  
I77 N14  N N N 68  
I77 N15  N N N 69  
I77 O16  O N N 70  
I77 O19  O N N 71  
I77 H111 H N N 72  
I77 H171 H N N 73  
I77 H181 H N N 74  
I77 H041 H N N 75  
I77 H051 H N N 76  
I77 H061 H N N 77  
I77 H011 H N N 78  
I77 H012 H N N 79  
I77 H141 H N N 80  
I77 H1   H N N 81  
I77 H2   H N N 82  
LEU N    N N N 83  
LEU CA   C N S 84  
LEU C    C N N 85  
LEU O    O N N 86  
LEU CB   C N N 87  
LEU CG   C N N 88  
LEU CD1  C N N 89  
LEU CD2  C N N 90  
LEU OXT  O N N 91  
LEU H    H N N 92  
LEU H2   H N N 93  
LEU HA   H N N 94  
LEU HB2  H N N 95  
LEU HB3  H N N 96  
LEU HG   H N N 97  
LEU HD11 H N N 98  
LEU HD12 H N N 99  
LEU HD13 H N N 100 
LEU HD21 H N N 101 
LEU HD22 H N N 102 
LEU HD23 H N N 103 
LEU HXT  H N N 104 
NIO N    N Y N 105 
NIO C1   C Y N 106 
NIO C2   C Y N 107 
NIO C3   C Y N 108 
NIO C4   C Y N 109 
NIO C5   C Y N 110 
NIO C6   C N N 111 
NIO O1   O N N 112 
NIO O2   O N N 113 
NIO H1   H N N 114 
NIO H3   H N N 115 
NIO H4   H N N 116 
NIO H5   H N N 117 
NIO HO2  H N N 118 
# 
loop_
_chem_comp_bond.comp_id 
_chem_comp_bond.atom_id_1 
_chem_comp_bond.atom_id_2 
_chem_comp_bond.value_order 
_chem_comp_bond.pdbx_aromatic_flag 
_chem_comp_bond.pdbx_stereo_config 
_chem_comp_bond.pdbx_ordinal 
AIB N   CA   sing N N 1   
AIB N   H    sing N N 2   
AIB N   H2   sing N N 3   
AIB CA  C    sing N N 4   
AIB CA  CB1  sing N N 5   
AIB CA  CB2  sing N N 6   
AIB C   O    doub N N 7   
AIB C   OXT  sing N N 8   
AIB OXT HXT  sing N N 9   
AIB CB1 HB11 sing N N 10  
AIB CB1 HB12 sing N N 11  
AIB CB1 HB13 sing N N 12  
AIB CB2 HB21 sing N N 13  
AIB CB2 HB22 sing N N 14  
AIB CB2 HB23 sing N N 15  
ALA N   CA   sing N N 16  
ALA N   H    sing N N 17  
ALA N   H2   sing N N 18  
ALA CA  C    sing N N 19  
ALA CA  CB   sing N N 20  
ALA CA  HA   sing N N 21  
ALA C   O    doub N N 22  
ALA C   OXT  sing N N 23  
ALA CB  HB1  sing N N 24  
ALA CB  HB2  sing N N 25  
ALA CB  HB3  sing N N 26  
ALA OXT HXT  sing N N 27  
CCN N   C1   trip N N 28  
CCN C1  C2   sing N N 29  
CCN C2  H21  sing N N 30  
CCN C2  H22  sing N N 31  
CCN C2  H23  sing N N 32  
CYS N   CA   sing N N 33  
CYS N   H    sing N N 34  
CYS N   H2   sing N N 35  
CYS CA  C    sing N N 36  
CYS CA  CB   sing N N 37  
CYS CA  HA   sing N N 38  
CYS C   O    doub N N 39  
CYS C   OXT  sing N N 40  
CYS CB  SG   sing N N 41  
CYS CB  HB2  sing N N 42  
CYS CB  HB3  sing N N 43  
CYS SG  HG   sing N N 44  
CYS OXT HXT  sing N N 45  
HOH O   H1   sing N N 46  
HOH O   H2   sing N N 47  
I77 N15 N14  sing N N 48  
I77 O16 C13  doub N N 49  
I77 N14 C13  sing N N 50  
I77 C13 C12  sing N N 51  
I77 C12 C17  doub Y N 52  
I77 C12 C11  sing Y N 53  
I77 C17 C18  sing Y N 54  
I77 C11 N10  doub Y N 55  
I77 C18 C09  doub Y N 56  
I77 N10 C09  sing Y N 57  
I77 C09 C08  sing N N 58  
I77 C08 N07  doub Y N 59  
I77 C08 C05  sing Y N 60  
I77 N07 C06  sing Y N 61  
I77 C05 C04  doub Y N 62  
I77 C06 C03  doub Y N 63  
I77 C04 C03  sing Y N 64  
I77 C03 C02  sing N N 65  
I77 C02 N01  sing N N 66  
I77 C02 O19  doub N N 67  
I77 C11 H111 sing N N 68  
I77 C17 H171 sing N N 69  
I77 C18 H181 sing N N 70  
I77 C04 H041 sing N N 71  
I77 C05 H051 sing N N 72  
I77 C06 H061 sing N N 73  
I77 N01 H011 sing N N 74  
I77 N01 H012 sing N N 75  
I77 N14 H141 sing N N 76  
I77 N15 H1   sing N N 77  
I77 N15 H2   sing N N 78  
LEU N   CA   sing N N 79  
LEU N   H    sing N N 80  
LEU N   H2   sing N N 81  
LEU CA  C    sing N N 82  
LEU CA  CB   sing N N 83  
LEU CA  HA   sing N N 84  
LEU C   O    doub N N 85  
LEU C   OXT  sing N N 86  
LEU CB  CG   sing N N 87  
LEU CB  HB2  sing N N 88  
LEU CB  HB3  sing N N 89  
LEU CG  CD1  sing N N 90  
LEU CG  CD2  sing N N 91  
LEU CG  HG   sing N N 92  
LEU CD1 HD11 sing N N 93  
LEU CD1 HD12 sing N N 94  
LEU CD1 HD13 sing N N 95  
LEU CD2 HD21 sing N N 96  
LEU CD2 HD22 sing N N 97  
LEU CD2 HD23 sing N N 98  
LEU OXT HXT  sing N N 99  
NIO N   C1   doub Y N 100 
NIO N   C5   sing Y N 101 
NIO C1  C2   sing Y N 102 
NIO C1  H1   sing N N 103 
NIO C2  C3   doub Y N 104 
NIO C2  C6   sing N N 105 
NIO C3  C4   sing Y N 106 
NIO C3  H3   sing N N 107 
NIO C4  C5   doub Y N 108 
NIO C4  H4   sing N N 109 
NIO C5  H5   sing N N 110 
NIO C6  O1   doub N N 111 
NIO C6  O2   sing N N 112 
NIO O2  HO2  sing N N 113 
# 
_pdbx_audit_support.funding_organization   'Other private' 
_pdbx_audit_support.country                ? 
_pdbx_audit_support.grant_number           ? 
_pdbx_audit_support.ordinal                1 
# 
_pdbx_initial_refinement_model.id               1 
_pdbx_initial_refinement_model.entity_id_list   ? 
_pdbx_initial_refinement_model.type             other 
_pdbx_initial_refinement_model.source_name      Other 
_pdbx_initial_refinement_model.accession_code   ? 
_pdbx_initial_refinement_model.details          model 
# 
_space_group.name_H-M_alt     'P 1' 
_space_group.name_Hall        'P 1' 
_space_group.IT_number        1 
_space_group.crystal_system   triclinic 
_space_group.id               1 
# 
_atom_sites.entry_id                    8GBI 
_atom_sites.Cartn_transf_matrix[1][1]   ? 
_atom_sites.Cartn_transf_matrix[1][2]   ? 
_atom_sites.Cartn_transf_matrix[1][3]   ? 
_atom_sites.Cartn_transf_matrix[2][1]   ? 
_atom_sites.Cartn_transf_matrix[2][2]   ? 
_atom_sites.Cartn_transf_matrix[2][3]   ? 
_atom_sites.Cartn_transf_matrix[3][1]   ? 
_atom_sites.Cartn_transf_matrix[3][2]   ? 
_atom_sites.Cartn_transf_matrix[3][3]   ? 
_atom_sites.Cartn_transf_vector[1]      ? 
_atom_sites.Cartn_transf_vector[2]      ? 
_atom_sites.Cartn_transf_vector[3]      ? 
_atom_sites.fract_transf_matrix[1][1]   0.06776826 
_atom_sites.fract_transf_matrix[1][2]   0.09383343 
_atom_sites.fract_transf_matrix[1][3]   0.01325359 
_atom_sites.fract_transf_matrix[2][1]   0.03730913 
_atom_sites.fract_transf_matrix[2][2]   -0.02953002 
_atom_sites.fract_transf_matrix[2][3]   0.04065403 
_atom_sites.fract_transf_matrix[3][1]   0.01272850 
_atom_sites.fract_transf_matrix[3][2]   -0.01266915 
_atom_sites.fract_transf_matrix[3][3]   -0.03560972 
_atom_sites.fract_transf_vector[1]      -0.613097 
_atom_sites.fract_transf_vector[2]      0.287602 
_atom_sites.fract_transf_vector[3]      0.562277 
_atom_sites.solution_primary            ? 
_atom_sites.solution_secondary          ? 
_atom_sites.solution_hydrogens          ? 
_atom_sites.special_details             ? 
# 
loop_
_atom_type.symbol 
_atom_type.scat_dispersion_real 
_atom_type.scat_dispersion_imag 
_atom_type.scat_Cromer_Mann_a1 
_atom_type.scat_Cromer_Mann_a2 
_atom_type.scat_Cromer_Mann_a3 
_atom_type.scat_Cromer_Mann_a4 
_atom_type.scat_Cromer_Mann_b1 
_atom_type.scat_Cromer_Mann_b2 
_atom_type.scat_Cromer_Mann_b3 
_atom_type.scat_Cromer_Mann_b4 
_atom_type.scat_Cromer_Mann_c 
_atom_type.scat_source 
_atom_type.scat_dispersion_source 
C ? ? 2.51340 1.74867 1.72398 ? 31.80534 0.44561  10.58317 ? 0.0 
;3-Gaussian fit: Grosse-Kunstleve RW, Sauter NK, Adams PD: Newsletter of the IUCr Commission on Crystallographic Computing 2004, 3, 22-31.
;
? 
H ? ? 0.53795 0.34799 0.11320 ? 10.08003 29.74760 2.57510  ? 0.0 
;3-Gaussian fit: Grosse-Kunstleve RW, Sauter NK, Adams PD: Newsletter of the IUCr Commission on Crystallographic Computing 2004, 3, 22-31.
;
? 
N ? ? 2.99955 2.25584 1.72788 ? 23.27268 7.45433  0.31622  ? 0.0 
;3-Gaussian fit: Grosse-Kunstleve RW, Sauter NK, Adams PD: Newsletter of the IUCr Commission on Crystallographic Computing 2004, 3, 22-31.
;
? 
O ? ? 4.49882 3.47563 ?       ? 15.80542 1.70748  ?        ? 0.0 
;2-Gaussian fit: Grosse-Kunstleve RW, Sauter NK, Adams PD: Newsletter of the IUCr Commission on Crystallographic Computing 2004, 3, 22-31.
;
? 
S ? ? 9.55732 6.39887 ?       ? 1.23737  29.19336 ?        ? 0.0 
;2-Gaussian fit: Grosse-Kunstleve RW, Sauter NK, Adams PD: Newsletter of the IUCr Commission on Crystallographic Computing 2004, 3, 22-31.
;
? 
# 
loop_
_atom_site.group_PDB 
_atom_site.id 
_atom_site.type_symbol 
_atom_site.label_atom_id 
_atom_site.label_alt_id 
_atom_site.label_comp_id 
_atom_site.label_asym_id 
_atom_site.label_entity_id 
_atom_site.label_seq_id 
_atom_site.pdbx_PDB_ins_code 
_atom_site.Cartn_x 
_atom_site.Cartn_y 
_atom_site.Cartn_z 
_atom_site.occupancy 
_atom_site.B_iso_or_equiv 
_atom_site.pdbx_formal_charge 
_atom_site.auth_seq_id 
_atom_site.auth_comp_id 
_atom_site.auth_asym_id 
_atom_site.auth_atom_id 
_atom_site.pdbx_PDB_model_num 
HETATM 1   N N    . NIO A 1 1  ? 6.35503   1.24817   12.42169  1.000 3.48419  ? 1   NIO A N    1 
HETATM 2   C C1   . NIO A 1 1  ? 5.93150   1.10058   11.15977  1.000 2.96012  ? 1   NIO A C1   1 
HETATM 3   C C2   . NIO A 1 1  ? 6.79505   0.91392   10.08975  1.000 2.19267  ? 1   NIO A C2   1 
HETATM 4   C C3   . NIO A 1 1  ? 8.15908   0.90420   10.34441  1.000 2.20550  ? 1   NIO A C3   1 
HETATM 5   C C4   . NIO A 1 1  ? 8.60790   1.07128   11.63281  1.000 2.13261  ? 1   NIO A C4   1 
HETATM 6   C C5   . NIO A 1 1  ? 7.67797   1.21063   12.63705  1.000 2.94727  ? 1   NIO A C5   1 
HETATM 7   C C6   . NIO A 1 1  ? 6.27581   0.75873   8.71282   1.000 1.91184  ? 1   NIO A C6   1 
HETATM 8   O O1   . NIO A 1 1  ? 5.31005   1.47205   8.31026   1.000 1.85733  ? 1   NIO A O1   1 
HETATM 9   H H1   . NIO A 1 1  ? 5.01688   1.12428   10.99301  1.000 3.55405  ? 1   NIO A H1   1 
HETATM 10  H H3   . NIO A 1 1  ? 8.76485   0.78554   9.64880   1.000 2.64851  ? 1   NIO A H3   1 
HETATM 11  H H4   . NIO A 1 1  ? 9.51844   1.08968   11.82117  1.000 2.56104  ? 1   NIO A H4   1 
HETATM 12  H H5   . NIO A 1 1  ? 7.98339   1.28270   13.51251  1.000 3.53863  ? 1   NIO A H5   1 
ATOM   13  N N    . LEU A 1 2  ? 6.89279   -0.17857  7.85907   1.000 1.71514  ? 2   LEU A N    1 
ATOM   14  C CA   . LEU A 1 2  ? 6.58183   -0.15923  6.45730   1.000 1.83403  ? 2   LEU A CA   1 
ATOM   15  C C    . LEU A 1 2  ? 5.13460   -0.50254  6.13818   1.000 2.01540  ? 2   LEU A C    1 
ATOM   16  O O    . LEU A 1 2  ? 4.52564   0.12747   5.28845   1.000 2.18709  ? 2   LEU A O    1 
ATOM   17  C CB   . LEU A 1 2  ? 7.52327   -1.12564  5.73604   1.000 1.96828  ? 2   LEU A CB   1 
ATOM   18  C CG   . LEU A 1 2  ? 8.97592   -0.66659  5.65273   1.000 2.13494  ? 2   LEU A CG   1 
ATOM   19  C CD1  . LEU A 1 2  ? 9.90248   -1.85167  5.43210   1.000 2.28869  ? 2   LEU A CD1  1 
ATOM   20  C CD2  . LEU A 1 2  ? 9.15503   0.38955   4.55563   1.000 2.32143  ? 2   LEU A CD2  1 
ATOM   21  H HA   . LEU A 1 2  ? 6.70684   0.74547   6.13050   1.000 2.20274  ? 2   LEU A HA   1 
ATOM   22  H HB2  . LEU A 1 2  ? 7.51179   -1.97358  6.20695   1.000 2.36384  ? 2   LEU A HB2  1 
ATOM   23  H HB3  . LEU A 1 2  ? 7.20275   -1.24584  4.82845   1.000 2.36384  ? 2   LEU A HB3  1 
ATOM   24  H HG   . LEU A 1 2  ? 9.22232   -0.25381  6.49522   1.000 2.56384  ? 2   LEU A HG   1 
ATOM   25  H HD11 . LEU A 1 2  ? 10.81711  -1.53248  5.38244   1.000 2.74834  ? 2   LEU A HD11 1 
ATOM   26  H HD12 . LEU A 1 2  ? 9.80748   -2.46923  6.17406   1.000 2.74834  ? 2   LEU A HD12 1 
ATOM   27  H HD13 . LEU A 1 2  ? 9.66021   -2.29177  4.60234   1.000 2.74834  ? 2   LEU A HD13 1 
ATOM   28  H HD21 . LEU A 1 2  ? 10.08382  0.66849   4.53439   1.000 2.78763  ? 2   LEU A HD21 1 
ATOM   29  H HD22 . LEU A 1 2  ? 8.90614   0.00301   3.70150   1.000 2.78763  ? 2   LEU A HD22 1 
ATOM   30  H HD23 . LEU A 1 2  ? 8.58580   1.14973   4.75312   1.000 2.78763  ? 2   LEU A HD23 1 
HETATM 31  N N    A AIB A 1 3  ? 4.58167   -1.52199  6.80629   1.000 1.92542  ? 3   AIB A N    1 
HETATM 32  C CA   A AIB A 1 3  ? 3.22658   -1.97056  6.51450   1.000 2.09851  ? 3   AIB A CA   1 
HETATM 33  C C    A AIB A 1 3  ? 2.22915   -0.81358  6.77048   1.000 1.44777  ? 3   AIB A C    1 
HETATM 34  O O    A AIB A 1 3  ? 1.35340   -0.48694  5.95941   1.000 1.69351  ? 3   AIB A O    1 
HETATM 35  C CB1  A AIB A 1 3  ? 3.11676   -2.46139  5.05691   1.000 2.22059  ? 3   AIB A CB1  1 
HETATM 36  C CB2  A AIB A 1 3  ? 2.82322   -3.12896  7.44610   1.000 1.91351  ? 3   AIB A CB2  1 
HETATM 37  H H    A AIB A 1 3  ? 4.86047   -1.81750  7.72115   1.000 2.31241  ? 3   AIB A H    1 
HETATM 38  H HB11 A AIB A 1 3  ? 2.17570   -3.04700  4.92684   1.000 2.66661  ? 3   AIB A HB11 1 
HETATM 39  H HB12 A AIB A 1 3  ? 3.10353   -1.58590  4.36494   1.000 2.66661  ? 3   AIB A HB12 1 
HETATM 40  H HB13 A AIB A 1 3  ? 3.99065   -3.11069  4.81155   1.000 2.66661  ? 3   AIB A HB13 1 
HETATM 41  H HB21 A AIB A 1 3  ? 1.78940   -3.46286  7.18639   1.000 2.29812  ? 3   AIB A HB21 1 
HETATM 42  H HB22 A AIB A 1 3  ? 3.54087   -3.97391  7.30929   1.000 2.29812  ? 3   AIB A HB22 1 
HETATM 43  H HB23 A AIB A 1 3  ? 2.85278   -2.77310  8.50449   1.000 2.29812  ? 3   AIB A HB23 1 
ATOM   44  N N    . ALA A 1 4  ? 2.40580   -0.15526  7.91524   1.000 1.43824  ? 4   ALA A N    1 
ATOM   45  C CA   . ALA A 1 4  ? 1.49938   0.93781   8.31566   1.000 1.81982  ? 4   ALA A CA   1 
ATOM   46  C C    . ALA A 1 4  ? 1.70468   2.16058   7.39016   1.000 1.95082  ? 4   ALA A C    1 
ATOM   47  O O    . ALA A 1 4  ? 0.76636   2.89728   7.12704   1.000 2.43988  ? 4   ALA A O    1 
ATOM   48  C CB   . ALA A 1 4  ? 1.71252   1.32057   9.75003   1.000 2.23247  ? 4   ALA A CB   1 
ATOM   49  H H    . ALA A 1 4  ? 3.03623   -0.31636  8.47756   1.000 1.72780  ? 4   ALA A H    1 
ATOM   50  H HA   . ALA A 1 4  ? 0.58150   0.63428   8.23641   1.000 2.18570  ? 4   ALA A HA   1 
ATOM   51  H HB1  . ALA A 1 4  ? 1.09188   2.02850   9.98355   1.000 2.68087  ? 4   ALA A HB1  1 
ATOM   52  H HB2  . ALA A 1 4  ? 1.55543   0.54470   10.31061  1.000 2.68087  ? 4   ALA A HB2  1 
ATOM   53  H HB3  . ALA A 1 4  ? 2.62491   1.63028   9.86200   1.000 2.68087  ? 4   ALA A HB3  1 
ATOM   54  N N    . CYS A 1 5  ? 2.92503   2.37218   6.88432   1.000 2.00181  ? 5   CYS A N    1 
ATOM   55  C CA   . CYS A 1 5  ? 3.13512   3.43626   5.90443   1.000 1.76210  ? 5   CYS A CA   1 
ATOM   56  C C    . CYS A 1 5  ? 2.20362   3.23408   4.71183   1.000 1.45671  ? 5   CYS A C    1 
ATOM   57  O O    . CYS A 1 5  ? 1.50547   4.15433   4.27010   1.000 1.97546  ? 5   CYS A O    1 
ATOM   58  C CB   . CYS A 1 5  ? 4.61427   3.45461   5.45345   1.000 2.14151  ? 5   CYS A CB   1 
ATOM   59  S SG   . CYS A 1 5  ? 4.91436   4.36803   3.93220   1.000 2.61229  ? 5   CYS A SG   1 
ATOM   60  H H    . CYS A 1 5  ? 3.62970   1.92338   7.08832   1.000 2.40408  ? 5   CYS A H    1 
ATOM   61  H HA   . CYS A 1 5  ? 2.94217   4.29682   6.30829   1.000 2.11643  ? 5   CYS A HA   1 
ATOM   62  H HB2  . CYS A 1 5  ? 5.14595   3.86586   6.15279   1.000 2.57172  ? 5   CYS A HB2  1 
ATOM   63  H HB3  . CYS A 1 5  ? 4.90529   2.54056   5.30954   1.000 2.57172  ? 5   CYS A HB3  1 
ATOM   64  H HG   . CYS A 1 5  ? 6.09718   4.42655   3.73850   1.000 3.13666  ? 5   CYS A HG   1 
ATOM   65  N N    . LEU A 1 6  ? 2.24186   2.03475   4.12607   1.000 1.56061  ? 6   LEU A N    1 
ATOM   66  C CA   . LEU A 1 6  ? 1.41174   1.71588   2.97246   1.000 1.23865  ? 6   LEU A CA   1 
ATOM   67  C C    . LEU A 1 6  ? -0.06696  1.91089   3.30010   1.000 1.48319  ? 6   LEU A C    1 
ATOM   68  O O    . LEU A 1 6  ? -0.82393  2.52099   2.53017   1.000 1.99392  ? 6   LEU A O    1 
ATOM   69  C CB   . LEU A 1 6  ? 1.69412   0.27040   2.55438   1.000 1.72944  ? 6   LEU A CB   1 
ATOM   70  C CG   . LEU A 1 6  ? 0.83771   -0.31615  1.44204   1.000 1.69239  ? 6   LEU A CG   1 
ATOM   71  C CD1  . LEU A 1 6  ? 0.94141   0.51800   0.16447   1.000 1.88074  ? 6   LEU A CD1  1 
ATOM   72  C CD2  . LEU A 1 6  ? 1.27049   -1.75772  1.20946   1.000 2.00322  ? 6   LEU A CD2  1 
ATOM   73  H H    . LEU A 1 6  ? 2.74465   1.38547   4.38147   1.000 1.87464  ? 6   LEU A H    1 
ATOM   74  H HA   . LEU A 1 6  ? 1.62877   2.30373   2.23204   1.000 1.48829  ? 6   LEU A HA   1 
ATOM   75  H HB2  . LEU A 1 6  ? 2.61550   0.22246   2.25494   1.000 2.07724  ? 6   LEU A HB2  1 
ATOM   76  H HB3  . LEU A 1 6  ? 1.56862   -0.29395  3.33327   1.000 2.07724  ? 6   LEU A HB3  1 
ATOM   77  H HG   . LEU A 1 6  ? -0.09843  -0.30432  1.69583   1.000 2.03278  ? 6   LEU A HG   1 
ATOM   78  H HD11 . LEU A 1 6  ? 0.43837   0.08043   -0.54008  1.000 2.25879  ? 6   LEU A HD11 1 
ATOM   79  H HD12 . LEU A 1 6  ? 0.57566   1.40047   0.33295   1.000 2.25879  ? 6   LEU A HD12 1 
ATOM   80  H HD13 . LEU A 1 6  ? 1.87442   0.58987   -0.09091  1.000 2.25879  ? 6   LEU A HD13 1 
ATOM   81  H HD21 . LEU A 1 6  ? 0.72293   -2.14246  0.50728   1.000 2.40577  ? 6   LEU A HD21 1 
ATOM   82  H HD22 . LEU A 1 6  ? 2.20358   -1.76851  0.94468   1.000 2.40577  ? 6   LEU A HD22 1 
ATOM   83  H HD23 . LEU A 1 6  ? 1.15417   -2.25895  2.03174   1.000 2.40577  ? 6   LEU A HD23 1 
ATOM   84  N N    A CYS A 1 7  ? -0.49944  1.36315   4.43322   0.992 1.59343  ? 7   CYS A N    1 
ATOM   85  C CA   A CYS A 1 7  ? -1.90449  1.43747   4.80476   0.992 1.77471  ? 7   CYS A CA   1 
ATOM   86  C C    A CYS A 1 7  ? -2.35526  2.88113   4.94604   0.992 1.77372  ? 7   CYS A C    1 
ATOM   87  O O    A CYS A 1 7  ? -3.39636  3.28628   4.41746   0.992 2.31785  ? 7   CYS A O    1 
ATOM   88  C CB   A CYS A 1 7  ? -2.07885  0.71078   6.13210   0.992 2.44711  ? 7   CYS A CB   1 
ATOM   89  S SG   A CYS A 1 7  ? -3.76913  0.64923   6.72060   0.992 3.03250  ? 7   CYS A SG   1 
ATOM   90  H H    A CYS A 1 7  ? -0.00278  0.94672   4.99847   0.992 1.91403  ? 7   CYS A H    1 
ATOM   91  H HA   A CYS A 1 7  ? -2.44948  1.01769   4.12088   0.992 2.13156  ? 7   CYS A HA   1 
ATOM   92  H HB2  A CYS A 1 7  ? -1.77024  -0.20289  6.02793   0.992 2.93845  ? 7   CYS A HB2  1 
ATOM   93  H HB3  A CYS A 1 7  ? -1.54920  1.16507   6.80589   0.992 2.93845  ? 7   CYS A HB3  1 
ATOM   94  H HG   A CYS A 1 7  ? -3.79392  0.08467   7.77921   0.992 3.64090  ? 7   CYS A HG   1 
ATOM   95  N N    . CYS A 1 8  ? -1.58083  3.66904   5.67762   1.000 2.02317  ? 8   CYS A N    1 
ATOM   96  C CA   . CYS A 1 8  ? -2.00615  5.00752   6.02612   1.000 2.16692  ? 8   CYS A CA   1 
ATOM   97  C C    . CYS A 1 8  ? -1.88313  5.94709   4.82137   1.000 1.69712  ? 8   CYS A C    1 
ATOM   98  O O    . CYS A 1 8  ? -2.70301  6.85191   4.64080   1.000 2.10124  ? 8   CYS A O    1 
ATOM   99  C CB   . CYS A 1 8  ? -1.22496  5.53205   7.23580   1.000 2.79422  ? 8   CYS A CB   1 
ATOM   100 S SG   . CYS A 1 8  ? -1.62096  4.64487   8.74642   1.000 4.37790  ? 8   CYS A SG   1 
ATOM   101 H H    A CYS A 1 8  ? -0.80713  3.44899   5.98187   0.992 2.42971  ? 8   CYS A H    1 
ATOM   102 H HA   . CYS A 1 8  ? -2.94060  4.99317   6.28592   1.000 2.60222  ? 8   CYS A HA   1 
ATOM   103 H HB2  . CYS A 1 8  ? -0.27505  5.43146   7.06710   1.000 3.35498  ? 8   CYS A HB2  1 
ATOM   104 H HB3  . CYS A 1 8  ? -1.44072  6.46813   7.37036   1.000 3.35498  ? 8   CYS A HB3  1 
ATOM   105 H HG   . CYS A 1 8  ? -1.33623  5.33123   9.68867   1.000 5.25539  ? 8   CYS A HG   1 
HETATM 106 N N    . AIB A 1 9  ? -0.86909  5.74106   3.98958   1.000 1.55622  ? 9   AIB A N    1 
HETATM 107 C CA   . AIB A 1 9  ? -0.72194  6.50897   2.74363   1.000 1.89451  ? 9   AIB A CA   1 
HETATM 108 C C    . AIB A 1 9  ? -2.00033  6.39532   1.89111   1.000 1.93114  ? 9   AIB A C    1 
HETATM 109 O O    . AIB A 1 9  ? -2.43665  7.33906   1.24155   1.000 1.90216  ? 9   AIB A O    1 
HETATM 110 C CB1  . AIB A 1 9  ? -0.41971  8.00500   3.01603   1.000 2.11523  ? 9   AIB A CB1  1 
HETATM 111 C CB2  . AIB A 1 9  ? 0.41886   5.91546   1.88184   1.000 2.15959  ? 9   AIB A CB2  1 
HETATM 112 H H    . AIB A 1 9  ? 0.01064   5.34721   4.25964   1.000 1.86937  ? 9   AIB A H    1 
HETATM 113 H HB11 . AIB A 1 9  ? -0.57748  8.59679   2.08309   1.000 2.54019  ? 9   AIB A HB11 1 
HETATM 114 H HB12 . AIB A 1 9  ? -1.10045  8.38739   3.81342   1.000 2.54019  ? 9   AIB A HB12 1 
HETATM 115 H HB13 . AIB A 1 9  ? 0.63889   8.12040   3.34993   1.000 2.54019  ? 9   AIB A HB13 1 
HETATM 116 H HB21 . AIB A 1 9  ? 0.49732   6.49591   0.93072   1.000 2.59342  ? 9   AIB A HB21 1 
HETATM 117 H HB22 . AIB A 1 9  ? 1.37849   5.98465   2.44929   1.000 2.59342  ? 9   AIB A HB22 1 
HETATM 118 H HB23 . AIB A 1 9  ? 0.18720   4.84628   1.65629   1.000 2.59342  ? 9   AIB A HB23 1 
ATOM   119 N N    . LEU A 1 10 ? -2.60424  5.19752   1.93016   1.000 1.75119  ? 10  LEU A N    1 
ATOM   120 C CA   . LEU A 1 10 ? -3.82819  4.88568   1.18713   1.000 1.77835  ? 10  LEU A CA   1 
ATOM   121 C C    . LEU A 1 10 ? -5.08558  5.21531   1.97612   1.000 2.21243  ? 10  LEU A C    1 
ATOM   122 O O    . LEU A 1 10 ? -6.18845  4.73754   1.72676   1.000 2.78039  ? 10  LEU A O    1 
ATOM   123 C CB   . LEU A 1 10 ? -3.82969  3.41385   0.76371   1.000 2.10009  ? 10  LEU A CB   1 
ATOM   124 C CG   . LEU A 1 10 ? -2.80323  3.07143   -0.31234  1.000 2.58441  ? 10  LEU A CG   1 
ATOM   125 C CD1  . LEU A 1 10 ? -2.66190  1.56686   -0.41400  1.000 3.05064  ? 10  LEU A CD1  1 
ATOM   126 C CD2  . LEU A 1 10 ? -3.19368  3.66580   -1.65047  1.000 3.24287  ? 10  LEU A CD2  1 
ATOM   127 H H    . LEU A 1 10 ? -2.31451  4.53307   2.39294   1.000 2.10334  ? 10  LEU A H    1 
ATOM   128 H HA   . LEU A 1 10 ? -3.84977  5.43525   0.38813   1.000 2.13593  ? 10  LEU A HA   1 
ATOM   129 H HB2  . LEU A 1 10 ? -3.63489  2.86791   1.54148   1.000 2.52202  ? 10  LEU A HB2  1 
ATOM   130 H HB3  . LEU A 1 10 ? -4.70746  3.19312   0.41486   1.000 2.52202  ? 10  LEU A HB3  1 
ATOM   131 H HG   . LEU A 1 10 ? -1.94465  3.45244   -0.07033  1.000 3.10320  ? 10  LEU A HG   1 
ATOM   132 H HD11 . LEU A 1 10 ? -2.06867  1.35450   -1.15150  1.000 3.66268  ? 10  LEU A HD11 1 
ATOM   133 H HD12 . LEU A 1 10 ? -2.29219  1.22759   0.41612   1.000 3.66268  ? 10  LEU A HD12 1 
ATOM   134 H HD13 . LEU A 1 10 ? -3.53642  1.17735   -0.57023  1.000 3.66268  ? 10  LEU A HD13 1 
ATOM   135 H HD21 . LEU A 1 10 ? -2.56956  3.35881   -2.32658  1.000 3.89336  ? 10  LEU A HD21 1 
ATOM   136 H HD22 . LEU A 1 10 ? -4.09223  3.37695   -1.87422  1.000 3.89336  ? 10  LEU A HD22 1 
ATOM   137 H HD23 . LEU A 1 10 ? -3.16336  4.63326   -1.58722  1.000 3.89336  ? 10  LEU A HD23 1 
HETATM 138 C C11  . I77 A 1 11 ? -7.66622  7.64728   5.91023   1.000 3.75316  ? 11  I77 A C11  1 
HETATM 139 C C12  . I77 A 1 11 ? -8.02636  7.42809   4.56423   1.000 2.75230  ? 11  I77 A C12  1 
HETATM 140 C C13  . I77 A 1 11 ? -7.00622  7.25830   3.48523   1.000 2.20543  ? 11  I77 A C13  1 
HETATM 141 C C17  . I77 A 1 11 ? -9.36149  7.37911   4.18298   1.000 3.22453  ? 11  I77 A C17  1 
HETATM 142 C C18  . I77 A 1 11 ? -10.31279 7.57967   5.17459   1.000 3.81814  ? 11  I77 A C18  1 
HETATM 143 C C02  . I77 A 1 11 ? -14.01993 9.23100   10.17750  1.000 2.99159  ? 11  I77 A C02  1 
HETATM 144 C C03  . I77 A 1 11 ? -12.92637 8.79066   9.19827   1.000 4.30987  ? 11  I77 A C03  1 
HETATM 145 C C04  . I77 A 1 11 ? -11.63559 8.96812   9.59449   1.000 4.94411  ? 11  I77 A C04  1 
HETATM 146 C C05  . I77 A 1 11 ? -10.63139 8.60645   8.70087   1.000 4.83381  ? 11  I77 A C05  1 
HETATM 147 C C06  . I77 A 1 11 ? -13.22279 8.28431   7.90880   1.000 6.01032  ? 11  I77 A C06  1 
HETATM 148 C C08  . I77 A 1 11 ? -10.97039 8.05887   7.47487   1.000 4.94195  ? 11  I77 A C08  1 
HETATM 149 C C09  . I77 A 1 11 ? -9.90453  7.77597   6.50297   1.000 4.12812  ? 11  I77 A C09  1 
HETATM 150 N N01  . I77 A 1 11 ? -15.34890 9.04886   9.78671   1.000 3.44889  ? 11  I77 A N01  1 
HETATM 151 N N07  . I77 A 1 11 ? -12.25737 7.96436   7.09795   1.000 6.36342  ? 11  I77 A N07  1 
HETATM 152 N N10  . I77 A 1 11 ? -8.63029  7.83758   6.85972   1.000 4.00577  ? 11  I77 A N10  1 
HETATM 153 N N14  . I77 A 1 11 ? -5.95038  6.40684   3.91487   1.000 2.32388  ? 11  I77 A N14  1 
HETATM 154 N N15  . I77 A 1 11 ? -4.91164  6.16321   3.02090   1.000 2.28110  ? 11  I77 A N15  1 
HETATM 155 O O16  . I77 A 1 11 ? -7.04764  7.82430   2.43456   1.000 2.50030  ? 11  I77 A O16  1 
HETATM 156 O O19  . I77 A 1 11 ? -13.72353 9.75444   11.22830  1.000 3.19630  ? 11  I77 A O19  1 
HETATM 157 H H111 . I77 A 1 11 ? -6.56491  7.66583   6.20799   1.000 4.50570  ? 11  I77 A H111 1 
HETATM 158 H H171 . I77 A 1 11 ? -9.64733  7.19227   3.15522   1.000 3.87135  ? 11  I77 A H171 1 
HETATM 159 H H181 . I77 A 1 11 ? -11.36728 7.58458   4.92338   1.000 4.58367  ? 11  I77 A H181 1 
HETATM 160 H H041 . I77 A 1 11 ? -11.39748 9.37769   10.57392  1.000 5.93484  ? 11  I77 A H041 1 
HETATM 161 H H051 . I77 A 1 11 ? -9.64295  8.74558   8.95076   1.000 5.80248  ? 11  I77 A H051 1 
HETATM 162 H H061 . I77 A 1 11 ? -14.24667 8.16451   7.60043   1.000 7.21429  ? 11  I77 A H061 1 
HETATM 163 H H011 . I77 A 1 11 ? -16.09809 9.33931   10.41224  1.000 4.14058  ? 11  I77 A H011 1 
HETATM 164 H H012 . I77 A 1 11 ? -15.55760 8.62333   8.89797   1.000 4.14058  ? 11  I77 A H012 1 
HETATM 165 H H141 . I77 A 1 11 ? -5.95330  5.99998   4.82068   1.000 2.79057  ? 11  I77 A H141 1 
HETATM 166 H H1   . I77 A 1 11 ? -4.04957  5.99753   3.54328   1.000 2.73923  ? 11  I77 A H1   1 
HETATM 167 N N    . NIO B 1 1  ? -3.24659  2.38151   -12.62679 1.000 3.27895  ? 1   NIO B N    1 
HETATM 168 C C1   . NIO B 1 1  ? -3.26411  2.00317   -11.34281 1.000 2.48328  ? 1   NIO B C1   1 
HETATM 169 C C2   . NIO B 1 1  ? -3.55650  2.87842   -10.30879 1.000 1.98550  ? 1   NIO B C2   1 
HETATM 170 C C3   . NIO B 1 1  ? -3.85024  4.19537   -10.62835 1.000 1.98963  ? 1   NIO B C3   1 
HETATM 171 C C4   . NIO B 1 1  ? -3.82258  4.59749   -11.94330 1.000 1.92509  ? 1   NIO B C4   1 
HETATM 172 C C5   . NIO B 1 1  ? -3.53527  3.66011   -12.90516 1.000 2.91605  ? 1   NIO B C5   1 
HETATM 173 C C6   . NIO B 1 1  ? -3.56185  2.43126   -8.89754  1.000 2.10704  ? 1   NIO B C6   1 
HETATM 174 O O1   . NIO B 1 1  ? -2.66745  1.65454   -8.46965  1.000 1.93121  ? 1   NIO B O1   1 
HETATM 175 H H1   . NIO B 1 1  ? -3.07225  1.11692   -11.13626 1.000 2.98185  ? 1   NIO B H1   1 
HETATM 176 H H3   . NIO B 1 1  ? -4.06460  4.80294   -9.95767  1.000 2.38947  ? 1   NIO B H3   1 
HETATM 177 H H4   . NIO B 1 1  ? -3.99405  5.48162   -12.17528 1.000 2.31201  ? 1   NIO B H4   1 
HETATM 178 H H5   . NIO B 1 1  ? -3.54139  3.92667   -13.79611 1.000 3.50117  ? 1   NIO B H5   1 
ATOM   179 N N    . LEU B 1 2  ? -4.50564  2.97703   -8.00928  1.000 2.00403  ? 2   LEU B N    1 
ATOM   180 C CA   . LEU B 1 2  ? -4.38979  2.74625   -6.58956  1.000 1.74134  ? 2   LEU B CA   1 
ATOM   181 C C    . LEU B 1 2  ? -4.49237  1.27477   -6.18166  1.000 1.93778  ? 2   LEU B C    1 
ATOM   182 O O    . LEU B 1 2  ? -3.71483  0.83530   -5.33530  1.000 2.08952  ? 2   LEU B O    1 
ATOM   183 C CB   . LEU B 1 2  ? -5.45641  3.56140   -5.88243  1.000 1.98889  ? 2   LEU B CB   1 
ATOM   184 C CG   . LEU B 1 2  ? -5.23566  5.07338   -5.90332  1.000 2.23499  ? 2   LEU B CG   1 
ATOM   185 C CD1  . LEU B 1 2  ? -6.53661  5.81133   -5.61153  1.000 2.64768  ? 2   LEU B CD1  1 
ATOM   186 C CD2  . LEU B 1 2  ? -4.14901  5.46798   -4.90723  1.000 2.64534  ? 2   LEU B CD2  1 
ATOM   187 H HA   . LEU B 1 2  ? -3.50402  3.02344   -6.30764  1.000 2.09152  ? 2   LEU B HA   1 
ATOM   188 H HB2  . LEU B 1 2  ? -6.30933  3.38569   -6.30969  1.000 2.38858  ? 2   LEU B HB2  1 
ATOM   189 H HB3  . LEU B 1 2  ? -5.48749  3.28444   -4.95333  1.000 2.38858  ? 2   LEU B HB3  1 
ATOM   190 H HG   . LEU B 1 2  ? -4.93913  5.33806   -6.78814  1.000 2.68390  ? 2   LEU B HG   1 
ATOM   191 H HD11 . LEU B 1 2  ? -6.35972  6.76469   -5.58468  1.000 3.17913  ? 2   LEU B HD11 1 
ATOM   192 H HD12 . LEU B 1 2  ? -7.17628  5.61324   -6.31331  1.000 3.17913  ? 2   LEU B HD12 1 
ATOM   193 H HD13 . LEU B 1 2  ? -6.88264  5.51486   -4.75522  1.000 3.17913  ? 2   LEU B HD13 1 
ATOM   194 H HD21 . LEU B 1 2  ? -4.00388  6.42555   -4.96108  1.000 3.17632  ? 2   LEU B HD21 1 
ATOM   195 H HD22 . LEU B 1 2  ? -4.43761  5.22693   -4.01308  1.000 3.17632  ? 2   LEU B HD22 1 
ATOM   196 H HD23 . LEU B 1 2  ? -3.33090  4.99644   -5.12914  1.000 3.17632  ? 2   LEU B HD23 1 
HETATM 197 N N    A AIB B 1 3  ? -5.42338  0.52394   -6.77315  1.000 1.82865  ? 3   AIB B N    1 
HETATM 198 C CA   A AIB B 1 3  ? -5.61077  -0.86645  -6.39179  1.000 1.97702  ? 3   AIB B CA   1 
HETATM 199 C C    A AIB B 1 3  ? -4.32265  -1.66700  -6.64384  1.000 1.80005  ? 3   AIB B C    1 
HETATM 200 O O    A AIB B 1 3  ? -3.81695  -2.41706  -5.80532  1.000 2.06183  ? 3   AIB B O    1 
HETATM 201 C CB1  A AIB B 1 3  ? -6.00254  -0.97252  -4.90175  1.000 2.28365  ? 3   AIB B CB1  1 
HETATM 202 C CB2  A AIB B 1 3  ? -6.74062  -1.51278  -7.21817  1.000 2.31969  ? 3   AIB B CB2  1 
HETATM 203 H H    A AIB B 1 3  ? -5.80062  0.69771   -7.68391  1.000 2.19629  ? 3   AIB B H    1 
HETATM 204 H HB11 A AIB B 1 3  ? -6.47993  -1.96241  -4.70763  1.000 2.74229  ? 3   AIB B HB11 1 
HETATM 205 H HB12 A AIB B 1 3  ? -5.09148  -0.87261  -4.26500  1.000 2.74229  ? 3   AIB B HB12 1 
HETATM 206 H HB13 A AIB B 1 3  ? -6.72264  -0.16010  -4.64315  1.000 2.74229  ? 3   AIB B HB13 1 
HETATM 207 H HB21 A AIB B 1 3  ? -6.83786  -2.58649  -6.92601  1.000 2.78554  ? 3   AIB B HB21 1 
HETATM 208 H HB22 A AIB B 1 3  ? -7.69740  -0.97473  -7.01140  1.000 2.78554  ? 3   AIB B HB22 1 
HETATM 209 H HB23 A AIB B 1 3  ? -6.48849  -1.43583  -8.30361  1.000 2.78554  ? 3   AIB B HB23 1 
ATOM   210 N N    . ALA B 1 4  ? -3.76789  -1.45915  -7.84516  1.000 1.82493  ? 4   ALA B N    1 
ATOM   211 C CA   . ALA B 1 4  ? -2.55609  -2.17872  -8.24573  1.000 1.76185  ? 4   ALA B CA   1 
ATOM   212 C C    . ALA B 1 4  ? -1.35473  -1.74665  -7.41562  1.000 1.86997  ? 4   ALA B C    1 
ATOM   213 O O    . ALA B 1 4  ? -0.46394  -2.55741  -7.17406  1.000 2.32899  ? 4   ALA B O    1 
ATOM   214 C CB   . ALA B 1 4  ? -2.25464  -2.01438  -9.72845  1.000 2.27721  ? 4   ALA B CB   1 
ATOM   215 H H    . ALA B 1 4  ? -4.07168  -0.91363  -8.43653  1.000 2.19183  ? 4   ALA B H    1 
ATOM   216 H HA   . ALA B 1 4  ? -2.71628  -3.12270  -8.09036  1.000 2.11613  ? 4   ALA B HA   1 
ATOM   217 H HB1  . ALA B 1 4  ? -1.44781  -2.50810  -9.94330  1.000 2.73457  ? 4   ALA B HB1  1 
ATOM   218 H HB2  . ALA B 1 4  ? -3.00088  -2.36025  -10.24266 1.000 2.73457  ? 4   ALA B HB2  1 
ATOM   219 H HB3  . ALA B 1 4  ? -2.12760  -1.07249  -9.92239  1.000 2.73457  ? 4   ALA B HB3  1 
ATOM   220 N N    . CYS B 1 5  ? -1.31360  -0.47973  -6.98009  1.000 1.96995  ? 5   CYS B N    1 
ATOM   221 C CA   . CYS B 1 5  ? -0.25018  -0.04228  -6.07057  1.000 1.75097  ? 5   CYS B CA   1 
ATOM   222 C C    . CYS B 1 5  ? -0.24360  -0.90562  -4.81513  1.000 1.70481  ? 5   CYS B C    1 
ATOM   223 O O    . CYS B 1 5  ? 0.78808   -1.44742  -4.40338  1.000 1.98943  ? 5   CYS B O    1 
ATOM   224 C CB   . CYS B 1 5  ? -0.44487  1.44679   -5.70206  1.000 2.14352  ? 5   CYS B CB   1 
ATOM   225 S SG   . CYS B 1 5  ? 0.47638   1.98616   -4.26349  1.000 2.42083  ? 5   CYS B SG   1 
ATOM   226 H H    . CYS B 1 5  ? -1.87852  0.13288   -7.19263  1.000 2.36585  ? 5   CYS B H    1 
ATOM   227 H HA   . CYS B 1 5  ? 0.60742   -0.12907  -6.51541  1.000 2.10307  ? 5   CYS B HA   1 
ATOM   228 H HB2  . CYS B 1 5  ? -0.15920  1.99020   -6.45305  1.000 2.57413  ? 5   CYS B HB2  1 
ATOM   229 H HB3  . CYS B 1 5  ? -1.38558  1.59921   -5.52109  1.000 2.57413  ? 5   CYS B HB3  1 
ATOM   230 H HG   . CYS B 1 5  ? 0.31043   3.16502   -4.11272  1.000 2.90691  ? 5   CYS B HG   1 
ATOM   231 N N    . LEU B 1 6  ? -1.40098  -1.03840  -4.18235  1.000 1.74668  ? 6   LEU B N    1 
ATOM   232 C CA   . LEU B 1 6  ? -1.51815  -1.83405  -2.96658  1.000 1.71693  ? 6   LEU B CA   1 
ATOM   233 C C    . LEU B 1 6  ? -1.10143  -3.27497  -3.22202  1.000 1.72446  ? 6   LEU B C    1 
ATOM   234 O O    . LEU B 1 6  ? -0.33036  -3.87546  -2.45649  1.000 1.91251  ? 6   LEU B O    1 
ATOM   235 C CB   . LEU B 1 6  ? -2.96760  -1.76560  -2.50487  1.000 1.86060  ? 6   LEU B CB   1 
ATOM   236 C CG   . LEU B 1 6  ? -3.32435  -2.61504  -1.29647  1.000 1.90203  ? 6   LEU B CG   1 
ATOM   237 C CD1  . LEU B 1 6  ? -2.46143  -2.30509  -0.08618  1.000 2.18917  ? 6   LEU B CD1  1 
ATOM   238 C CD2  . LEU B 1 6  ? -4.79399  -2.41235  -1.00274  1.000 2.10993  ? 6   LEU B CD2  1 
ATOM   239 H H    . LEU B 1 6  ? -2.13901  -0.67689  -4.43580  1.000 2.09793  ? 6   LEU B H    1 
ATOM   240 H HA   . LEU B 1 6  ? -0.93977  -1.48175  -2.27213  1.000 2.06222  ? 6   LEU B HA   1 
ATOM   241 H HB2  . LEU B 1 6  ? -3.16909  -0.84439  -2.27757  1.000 2.23463  ? 6   LEU B HB2  1 
ATOM   242 H HB3  . LEU B 1 6  ? -3.53218  -2.05762  -3.23759  1.000 2.23463  ? 6   LEU B HB3  1 
ATOM   243 H HG   . LEU B 1 6  ? -3.15223  -3.54960  -1.49104  1.000 2.28434  ? 6   LEU B HG   1 
ATOM   244 H HD11 . LEU B 1 6  ? -2.77280  -2.83138  0.66679   1.000 2.62892  ? 6   LEU B HD11 1 
ATOM   245 H HD12 . LEU B 1 6  ? -1.54013  -2.53077  -0.28907  1.000 2.62892  ? 6   LEU B HD12 1 
ATOM   246 H HD13 . LEU B 1 6  ? -2.53296  -1.35972  0.11890   1.000 2.62892  ? 6   LEU B HD13 1 
ATOM   247 H HD21 . LEU B 1 6  ? -5.04426  -2.96620  -0.24675  1.000 2.53383  ? 6   LEU B HD21 1 
ATOM   248 H HD22 . LEU B 1 6  ? -4.94828  -1.47782  -0.79358  1.000 2.53383  ? 6   LEU B HD22 1 
ATOM   249 H HD23 . LEU B 1 6  ? -5.31008  -2.66606  -1.78388  1.000 2.53383  ? 6   LEU B HD23 1 
ATOM   250 N N    A CYS B 1 7  ? -1.62334  -3.85907  -4.29677  1.000 1.59398  ? 7   CYS B N    1 
ATOM   251 C CA   A CYS B 1 7  ? -1.33496  -5.25406  -4.61119  1.000 1.66224  ? 7   CYS B CA   1 
ATOM   252 C C    A CYS B 1 7  ? 0.15492   -5.47938  -4.81869  1.000 1.70345  ? 7   CYS B C    1 
ATOM   253 O O    A CYS B 1 7  ? 0.75552   -6.40294  -4.25966  1.000 2.32799  ? 7   CYS B O    1 
ATOM   254 C CB   A CYS B 1 7  ? -2.09156  -5.62000  -5.87946  1.000 2.28961  ? 7   CYS B CB   1 
ATOM   255 S SG   A CYS B 1 7  ? -1.89205  -7.34479  -6.38922  1.000 3.18266  ? 7   CYS B SG   1 
ATOM   256 H H    A CYS B 1 7  ? -2.14610  -3.47138  -4.85891  1.000 1.91468  ? 7   CYS B H    1 
ATOM   257 H HA   A CYS B 1 7  ? -1.62231  -5.81829  -3.87636  1.000 1.99660  ? 7   CYS B HA   1 
ATOM   258 H HB2  A CYS B 1 7  ? -3.03753  -5.46392  -5.73222  1.000 2.74944  ? 7   CYS B HB2  1 
ATOM   259 H HB3  A CYS B 1 7  ? -1.77172  -5.05988  -6.60394  1.000 2.74944  ? 7   CYS B HB3  1 
ATOM   260 H HG   A CYS B 1 7  ? -2.52572  -7.53191  -7.39095  1.000 3.82111  ? 7   CYS B HG   1 
ATOM   261 N N    . CYS B 1 8  ? 0.75642   -4.64665  -5.65280  1.000 1.89085  ? 8   CYS B N    1 
ATOM   262 C CA   . CYS B 1 8  ? 2.14217   -4.84233  -6.02909  1.000 2.14369  ? 8   CYS B CA   1 
ATOM   263 C C    . CYS B 1 8  ? 3.10239   -4.50562  -4.88403  1.000 2.01551  ? 8   CYS B C    1 
ATOM   264 O O    . CYS B 1 8  ? 4.11230   -5.17467  -4.71656  1.000 1.93017  ? 8   CYS B O    1 
ATOM   265 C CB   . CYS B 1 8  ? 2.46911   -4.06056  -7.30508  1.000 2.98714  ? 8   CYS B CB   1 
ATOM   266 S SG   . CYS B 1 8  ? 1.57442   -4.71156  -8.75203  1.000 4.48916  ? 8   CYS B SG   1 
ATOM   267 H H    A CYS B 1 8  ? 0.38241   -3.96139  -6.01354  1.000 2.27093  ? 8   CYS B H    1 
ATOM   268 H HA   . CYS B 1 8  ? 2.28584   -5.78075  -6.22818  1.000 2.57434  ? 8   CYS B HA   1 
ATOM   269 H HB2  . CYS B 1 8  ? 2.21551   -3.13222  -7.18363  1.000 3.58648  ? 8   CYS B HB2  1 
ATOM   270 H HB3  . CYS B 1 8  ? 3.42062   -4.12406  -7.48253  1.000 3.58648  ? 8   CYS B HB3  1 
ATOM   271 H HG   . CYS B 1 8  ? 2.16709   -4.40346  -9.74894  1.000 5.38890  ? 8   CYS B HG   1 
HETATM 272 N N    . AIB B 1 9  ? 2.77975   -3.48253  -4.10727  1.000 1.63732  ? 9   AIB B N    1 
HETATM 273 C CA   . AIB B 1 9  ? 3.56709   -3.14611  -2.92377  1.000 1.78032  ? 9   AIB B CA   1 
HETATM 274 C C    . AIB B 1 9  ? 3.70442   -4.37556  -1.99831  1.000 1.80745  ? 9   AIB B C    1 
HETATM 275 O O    . AIB B 1 9  ? 4.73628   -4.62189  -1.38243  1.000 1.97685  ? 9   AIB B O    1 
HETATM 276 C CB1  . AIB B 1 9  ? 4.96829   -2.62398  -3.30745  1.000 2.17797  ? 9   AIB B CB1  1 
HETATM 277 C CB2  . AIB B 1 9  ? 2.85177   -2.05926  -2.10855  1.000 2.39308  ? 9   AIB B CB2  1 
HETATM 278 H H    . AIB B 1 9  ? 2.24425   -2.69175  -4.40709  1.000 1.96669  ? 9   AIB B H    1 
HETATM 279 H HB11 . AIB B 1 9  ? 5.61183   -2.56933  -2.39731  1.000 2.61547  ? 9   AIB B HB11 1 
HETATM 280 H HB12 . AIB B 1 9  ? 5.43732   -3.31427  -4.04837  1.000 2.61547  ? 9   AIB B HB12 1 
HETATM 281 H HB13 . AIB B 1 9  ? 4.88062   -1.60643  -3.75729  1.000 2.61547  ? 9   AIB B HB13 1 
HETATM 282 H HB21 . AIB B 1 9  ? 3.44845   -1.84017  -1.19004  1.000 2.87361  ? 9   AIB B HB21 1 
HETATM 283 H HB22 . AIB B 1 9  ? 2.76085   -1.13654  -2.73147  1.000 2.87361  ? 9   AIB B HB22 1 
HETATM 284 H HB23 . AIB B 1 9  ? 1.83618   -2.42643  -1.82313  1.000 2.87361  ? 9   AIB B HB23 1 
ATOM   285 N N    . LEU B 1 10 ? 2.63217   -5.16697  -1.93260  1.000 1.43592  ? 10  LEU B N    1 
ATOM   286 C CA   . LEU B 1 10 ? 2.55679   -6.38203  -1.09771  1.000 1.75014  ? 10  LEU B CA   1 
ATOM   287 C C    . LEU B 1 10 ? 3.03438   -7.61726  -1.83498  1.000 1.94281  ? 10  LEU B C    1 
ATOM   288 O O    . LEU B 1 10 ? 2.73849   -8.75931  -1.48353  1.000 2.57296  ? 10  LEU B O    1 
ATOM   289 C CB   . LEU B 1 10 ? 1.12932   -6.61306  -0.60642  1.000 2.11206  ? 10  LEU B CB   1 
ATOM   290 C CG   . LEU B 1 10 ? 0.68428   -5.57026  0.41147   1.000 2.46731  ? 10  LEU B CG   1 
ATOM   291 C CD1  . LEU B 1 10 ? -0.79565  -5.64204  0.59375   1.000 3.00034  ? 10  LEU B CD1  1 
ATOM   292 C CD2  . LEU B 1 10 ? 1.42102   -5.73028  1.74419   1.000 3.17219  ? 10  LEU B CD2  1 
ATOM   293 H H    . LEU B 1 10 ? 1.90848   -5.02250  -2.37420  1.000 1.72501  ? 10  LEU B H    1 
ATOM   294 H HA   . LEU B 1 10 ? 3.13726   -6.24857  -0.33211  1.000 2.10208  ? 10  LEU B HA   1 
ATOM   295 H HB2  . LEU B 1 10 ? 0.52449   -6.57277  -1.36370  1.000 2.53638  ? 10  LEU B HB2  1 
ATOM   296 H HB3  . LEU B 1 10 ? 1.07744   -7.48589  -0.18647  1.000 2.53638  ? 10  LEU B HB3  1 
ATOM   297 H HG   . LEU B 1 10 ? 0.90938   -4.68722  0.07911   1.000 2.96268  ? 10  LEU B HG   1 
ATOM   298 H HD11 . LEU B 1 10 ? -1.06048  -5.00901  1.27933   1.000 3.60232  ? 10  LEU B HD11 1 
ATOM   299 H HD12 . LEU B 1 10 ? -1.22834  -5.42075  -0.24573  1.000 3.60232  ? 10  LEU B HD12 1 
ATOM   300 H HD13 . LEU B 1 10 ? -1.03735  -6.54195  0.86332   1.000 3.60232  ? 10  LEU B HD13 1 
ATOM   301 H HD21 . LEU B 1 10 ? 1.08915   -5.06766  2.37005   1.000 3.80854  ? 10  LEU B HD21 1 
ATOM   302 H HD22 . LEU B 1 10 ? 1.25878   -6.62204  2.08965   1.000 3.80854  ? 10  LEU B HD22 1 
ATOM   303 H HD23 . LEU B 1 10 ? 2.37100   -5.60015  1.59750   1.000 3.80854  ? 10  LEU B HD23 1 
HETATM 304 C C11  . I77 B 1 11 ? 5.66962   -9.96827  -5.78009  1.000 3.63974  ? 11  I77 B C11  1 
HETATM 305 C C12  . I77 B 1 11 ? 5.58237   -10.28423 -4.41516  1.000 2.63288  ? 11  I77 B C12  1 
HETATM 306 C C13  . I77 B 1 11 ? 5.30549   -9.24872  -3.37344  1.000 2.50269  ? 11  I77 B C13  1 
HETATM 307 C C17  . I77 B 1 11 ? 5.77045   -11.57515 -3.95728  1.000 3.13984  ? 11  I77 B C17  1 
HETATM 308 C C18  . I77 B 1 11 ? 6.07684   -12.54229 -4.91181  1.000 3.77680  ? 11  I77 B C18  1 
HETATM 309 C C02  . I77 B 1 11 ? 8.06893   -16.24584 -9.83061  1.000 2.87066  ? 11  I77 B C02  1 
HETATM 310 C C03  . I77 B 1 11 ? 7.50331   -15.16590 -8.89551  1.000 3.84364  ? 11  I77 B C03  1 
HETATM 311 C C04  . I77 B 1 11 ? 7.49711   -13.88571 -9.34357  1.000 4.51246  ? 11  I77 B C04  1 
HETATM 312 C C05  . I77 B 1 11 ? 7.01755   -12.90416 -8.47511  1.000 4.60485  ? 11  I77 B C05  1 
HETATM 313 C C06  . I77 B 1 11 ? 7.06399   -15.47829 -7.58084  1.000 5.80788  ? 11  I77 B C06  1 
HETATM 314 C C08  . I77 B 1 11 ? 6.53842   -13.25816 -7.21436  1.000 4.74280  ? 11  I77 B C08  1 
HETATM 315 C C09  . I77 B 1 11 ? 6.12719   -12.20390 -6.27647  1.000 4.08877  ? 11  I77 B C09  1 
HETATM 316 N N01  . I77 B 1 11 ? 8.13632   -17.55741 -9.35651  1.000 3.55335  ? 11  I77 B N01  1 
HETATM 317 N N07  . I77 B 1 11 ? 6.62772   -14.53350 -6.79665  1.000 6.28987  ? 11  I77 B N07  1 
HETATM 318 N N10  . I77 B 1 11 ? 5.96571   -10.95400 -6.68551  1.000 4.13435  ? 11  I77 B N10  1 
HETATM 319 N N14  . I77 B 1 11 ? 4.28671   -8.35718  -3.76662  1.000 2.48426  ? 11  I77 B N14  1 
HETATM 320 N N15  . I77 B 1 11 ? 3.92365   -7.32045  -2.90122  1.000 2.38855  ? 11  I77 B N15  1 
HETATM 321 O O16  . I77 B 1 11 ? 5.93377   -9.14787  -2.37897  1.000 2.62926  ? 11  I77 B O16  1 
HETATM 322 O O19  . I77 B 1 11 ? 8.47974   -15.95243 -10.92585 1.000 2.94346  ? 11  I77 B O19  1 
HETATM 323 H H111 . I77 B 1 11 ? 5.49522   -8.89770  -6.13411  1.000 4.36960  ? 11  I77 B H111 1 
HETATM 324 H H171 . I77 B 1 11 ? 5.68349   -11.82166 -2.90630  1.000 3.76972  ? 11  I77 B H171 1 
HETATM 325 H H181 . I77 B 1 11 ? 6.27758   -13.56129 -4.60134  1.000 4.53407  ? 11  I77 B H181 1 
HETATM 326 H H041 . I77 B 1 11 ? 7.85196   -13.63357 -10.34069 1.000 5.41687  ? 11  I77 B H041 1 
HETATM 327 H H051 . I77 B 1 11 ? 7.01793   -11.91732 -8.76665  1.000 5.52773  ? 11  I77 B H051 1 
HETATM 328 H H061 . I77 B 1 11 ? 7.09168   -16.49606 -7.23276  1.000 6.97137  ? 11  I77 B H061 1 
HETATM 329 H H011 . I77 B 1 11 ? 8.51290   -18.28991 -9.95458  1.000 4.26593  ? 11  I77 B H011 1 
HETATM 330 H H012 . I77 B 1 11 ? 7.79341   -17.77045 -8.43350  1.000 4.26593  ? 11  I77 B H012 1 
HETATM 331 H H141 . I77 B 1 11 ? 3.83341   -8.46263  -4.64380  1.000 2.98302  ? 11  I77 B H141 1 
HETATM 332 H H1   . I77 B 1 11 ? 4.71081   -7.05981  -2.34224  1.000 2.86817  ? 11  I77 B H1   1 
HETATM 333 N N    . CCN C 2 .  ? -8.26254  11.98329  5.04483   1.000 5.46827  ? 201 CCN A N    1 
HETATM 334 C C1   . CCN C 2 .  ? -8.39162  11.67843  6.11362   1.000 6.52142  ? 201 CCN A C1   1 
HETATM 335 C C2   . CCN C 2 .  ? -8.57119  11.26009  7.56873   1.000 7.68334  ? 201 CCN A C2   1 
HETATM 336 H H21  . CCN C 2 .  ? -8.65156  10.23556  7.91042   1.000 9.22192  ? 201 CCN A H21  1 
HETATM 337 H H22  . CCN C 2 .  ? -7.87433  11.48696  8.36611   1.000 9.22192  ? 201 CCN A H22  1 
HETATM 338 H H23  . CCN C 2 .  ? -9.40554  11.55014  8.19531   1.000 9.22192  ? 201 CCN A H23  1 
HETATM 339 N N    . CCN D 2 .  ? -10.78408 14.21265  6.92009   1.000 5.18067  ? 202 CCN A N    1 
HETATM 340 C C1   . CCN D 2 .  ? -11.03699 14.09046  5.84255   1.000 6.40029  ? 202 CCN A C1   1 
HETATM 341 C C2   . CCN D 2 .  ? -11.33410 13.92056  4.36515   1.000 7.37776  ? 202 CCN A C2   1 
HETATM 342 H H21  . CCN D 2 .  ? -10.99168 13.09124  3.75863   1.000 8.85522  ? 202 CCN A H21  1 
HETATM 343 H H22  . CCN D 2 .  ? -12.32740 13.83979  3.94118   1.000 8.85522  ? 202 CCN A H22  1 
HETATM 344 H H23  . CCN D 2 .  ? -11.04571 14.62340  3.59331   1.000 8.85522  ? 202 CCN A H23  1 
HETATM 345 O O    . HOH E 3 .  ? -5.83182  4.23280   5.60634   1.000 3.18681  ? 301 HOH A O    1 
HETATM 346 O O    . HOH E 3 .  ? -4.13852  7.66265   6.93145   1.000 9.85738  ? 302 HOH A O    1 
HETATM 347 O O    . HOH E 3 .  ? -5.30628  5.47218   7.96631   1.000 11.86765 ? 303 HOH A O    1 
HETATM 348 O O    . HOH F 3 .  ? 2.04365   -8.70301  -5.38338  1.000 3.44830  ? 201 HOH B O    1 
HETATM 349 O O    . HOH F 3 .  ? 5.08759   -6.60704  -7.02840  1.000 9.95358  ? 202 HOH B O    1 
HETATM 350 O O    . HOH F 3 .  ? 3.06778   -8.13632  -7.84782  1.000 12.60065 ? 203 HOH B O    1 
# 
loop_
_atom_site_anisotrop.id 
_atom_site_anisotrop.type_symbol 
_atom_site_anisotrop.pdbx_label_atom_id 
_atom_site_anisotrop.pdbx_label_alt_id 
_atom_site_anisotrop.pdbx_label_comp_id 
_atom_site_anisotrop.pdbx_label_asym_id 
_atom_site_anisotrop.pdbx_label_seq_id 
_atom_site_anisotrop.pdbx_PDB_ins_code 
_atom_site_anisotrop.U[1][1] 
_atom_site_anisotrop.U[2][2] 
_atom_site_anisotrop.U[3][3] 
_atom_site_anisotrop.U[1][2] 
_atom_site_anisotrop.U[1][3] 
_atom_site_anisotrop.U[2][3] 
_atom_site_anisotrop.pdbx_auth_seq_id 
_atom_site_anisotrop.pdbx_auth_comp_id 
_atom_site_anisotrop.pdbx_auth_asym_id 
_atom_site_anisotrop.pdbx_auth_atom_id 
1   N N   . NIO A 1  ? 0.03994 0.04791 0.04454 0.01524  -0.00555 -0.01214 1   NIO A N   
2   C C1  . NIO A 1  ? 0.03042 0.04466 0.03739 0.01214  -0.01527 -0.01382 1   NIO A C1  
3   C C2  . NIO A 1  ? 0.02863 0.02111 0.03357 0.00758  -0.01246 -0.00898 1   NIO A C2  
4   C C3  . NIO A 1  ? 0.02455 0.02103 0.03822 0.00262  -0.00976 -0.01091 1   NIO A C3  
5   C C4  . NIO A 1  ? 0.02326 0.02504 0.03272 0.00448  -0.01295 -0.01284 1   NIO A C4  
6   C C5  . NIO A 1  ? 0.03493 0.03791 0.03914 0.01115  -0.01020 -0.01014 1   NIO A C5  
7   C C6  . NIO A 1  ? 0.02005 0.01633 0.03626 0.00678  -0.00357 -0.00177 1   NIO A C6  
8   O O1  . NIO A 1  ? 0.01391 0.02499 0.03167 0.00858  -0.00432 -0.00368 1   NIO A O1  
13  N N   . LEU A 2  ? 0.01145 0.01836 0.03535 0.00116  -0.00720 -0.00074 2   LEU A N   
14  C CA  . LEU A 2  ? 0.01334 0.02441 0.03195 0.00437  -0.00867 -0.00063 2   LEU A CA  
15  C C   . LEU A 2  ? 0.02509 0.01658 0.03491 0.00805  -0.00792 0.00303  2   LEU A C   
16  O O   . LEU A 2  ? 0.02130 0.02243 0.03936 0.00564  -0.01352 -0.00001 2   LEU A O   
17  C CB  . LEU A 2  ? 0.02178 0.02562 0.02738 0.00840  -0.01251 -0.00410 2   LEU A CB  
18  C CG  . LEU A 2  ? 0.01556 0.03072 0.03484 0.00617  -0.00514 -0.00029 2   LEU A CG  
19  C CD1 . LEU A 2  ? 0.01345 0.02883 0.04469 0.00446  -0.00089 -0.00104 2   LEU A CD1 
20  C CD2 . LEU A 2  ? 0.01245 0.03236 0.04339 0.00193  0.00516  0.00495  2   LEU A CD2 
31  N N   A AIB A 3  ? 0.02446 0.01725 0.03145 0.00747  -0.01045 0.00175  3   AIB A N   
32  C CA  A AIB A 3  ? 0.02605 0.01993 0.03374 0.00718  -0.01156 0.00109  3   AIB A CA  
33  C C   A AIB A 3  ? 0.01227 0.01338 0.02936 -0.00369 -0.00617 0.00445  3   AIB A C   
34  O O   A AIB A 3  ? 0.01511 0.01978 0.02945 0.00015  -0.00501 0.00460  3   AIB A O   
35  C CB1 A AIB A 3  ? 0.03204 0.02156 0.03078 0.00640  -0.01238 -0.00462 3   AIB A CB1 
36  C CB2 A AIB A 3  ? 0.02536 0.01146 0.03588 -0.00036 -0.01190 -0.00247 3   AIB A CB2 
44  N N   . ALA A 4  ? 0.01044 0.01687 0.02734 -0.00177 -0.00729 0.00225  4   ALA A N   
45  C CA  . ALA A 4  ? 0.02002 0.01803 0.03110 0.00573  -0.01210 -0.00116 4   ALA A CA  
46  C C   . ALA A 4  ? 0.01918 0.01806 0.03688 0.00455  -0.01345 -0.00502 4   ALA A C   
47  O O   . ALA A 4  ? 0.02585 0.02540 0.04146 0.01229  -0.00666 0.00527  4   ALA A O   
48  C CB  . ALA A 4  ? 0.02271 0.03010 0.03202 0.00955  -0.00631 -0.00043 4   ALA A CB  
54  N N   . CYS A 5  ? 0.02360 0.01914 0.03333 0.00617  -0.01512 -0.00421 5   CYS A N   
55  C CA  . CYS A 5  ? 0.02178 0.01190 0.03327 0.00224  -0.01498 -0.00225 5   CYS A CA  
56  C C   . CYS A 5  ? 0.01403 0.01006 0.03125 0.00031  -0.00660 0.00435  5   CYS A C   
57  O O   . CYS A 5  ? 0.01819 0.01911 0.03776 0.00575  -0.01127 -0.00349 5   CYS A O   
58  C CB  . CYS A 5  ? 0.02327 0.02125 0.03685 0.00502  -0.01613 -0.00539 5   CYS A CB  
59  S SG  . CYS A 5  ? 0.02507 0.03383 0.04036 0.00355  -0.01230 -0.00162 5   CYS A SG  
65  N N   . LEU A 6  ? 0.01701 0.01432 0.02796 0.00528  -0.00620 0.00407  6   LEU A N   
66  C CA  . LEU A 6  ? 0.01122 0.00928 0.02658 -0.00092 -0.00804 0.00318  6   LEU A CA  
67  C C   . LEU A 6  ? 0.01877 0.01418 0.02340 0.00031  -0.00776 0.00630  6   LEU A C   
68  O O   . LEU A 6  ? 0.02255 0.02907 0.02415 0.00779  -0.01230 -0.00258 6   LEU A O   
69  C CB  . LEU A 6  ? 0.01865 0.01821 0.02885 0.00679  -0.00623 0.00459  6   LEU A CB  
70  C CG  . LEU A 6  ? 0.01915 0.01625 0.02890 0.00098  -0.00826 -0.00186 6   LEU A CG  
71  C CD1 . LEU A 6  ? 0.02385 0.01865 0.02897 0.00186  -0.00635 -0.00093 6   LEU A CD1 
72  C CD2 . LEU A 6  ? 0.02555 0.02091 0.02966 0.00266  -0.00784 -0.00093 6   LEU A CD2 
84  N N   A CYS A 7  ? 0.01763 0.01782 0.02509 0.00382  -0.00773 0.00677  7   CYS A N   
85  C CA  A CYS A 7  ? 0.01422 0.01982 0.03340 0.00274  -0.00818 0.00291  7   CYS A CA  
86  C C   A CYS A 7  ? 0.01565 0.01700 0.03476 0.00347  -0.01083 -0.00255 7   CYS A C   
87  O O   A CYS A 7  ? 0.01819 0.02594 0.04394 0.00607  -0.01130 -0.00332 7   CYS A O   
88  C CB  A CYS A 7  ? 0.02336 0.02843 0.04118 0.00304  -0.00421 0.00318  7   CYS A CB  
89  S SG  A CYS A 7  ? 0.02256 0.04364 0.04902 0.00038  0.00002  0.00600  7   CYS A SG  
95  N N   . CYS A 8  ? 0.01915 0.02394 0.03378 0.00766  -0.01102 -0.00117 8   CYS A N   
96  C CA  . CYS A 8  ? 0.02142 0.02322 0.03769 0.00705  -0.00813 -0.00096 8   CYS A CA  
97  C C   . CYS A 8  ? 0.01434 0.01655 0.03360 0.00279  -0.01013 -0.00621 8   CYS A C   
98  O O   . CYS A 8  ? 0.02504 0.01879 0.03601 0.00724  -0.01186 -0.00283 8   CYS A O   
99  C CB  . CYS A 8  ? 0.03347 0.04077 0.03193 0.00691  -0.01546 -0.00541 8   CYS A CB  
100 S SG  . CYS A 8  ? 0.06532 0.07090 0.03013 0.01554  -0.00253 0.01266  8   CYS A SG  
106 N N   . AIB A 9  ? 0.01268 0.01354 0.03291 0.00285  -0.00418 0.00465  9   AIB A N   
107 C CA  . AIB A 9  ? 0.01558 0.01922 0.03718 0.00613  -0.00441 0.00432  9   AIB A CA  
108 C C   . AIB A 9  ? 0.02228 0.01768 0.03343 0.00696  -0.00840 0.00442  9   AIB A C   
109 O O   . AIB A 9  ? 0.02313 0.01732 0.03183 0.00324  -0.01199 0.00526  9   AIB A O   
110 C CB1 . AIB A 9  ? 0.01771 0.02165 0.04102 0.00472  -0.00839 -0.00010 9   AIB A CB1 
111 C CB2 . AIB A 9  ? 0.01270 0.02814 0.04122 0.00623  -0.00220 0.00028  9   AIB A CB2 
119 N N   . LEU A 10 ? 0.01808 0.01803 0.03042 0.00496  -0.00934 0.00382  10  LEU A N   
120 C CA  . LEU A 10 ? 0.01842 0.01549 0.03366 0.00335  -0.01161 0.00105  10  LEU A CA  
121 C C   . LEU A 10 ? 0.01625 0.03144 0.03638 0.00671  -0.00990 0.00057  10  LEU A C   
122 O O   . LEU A 10 ? 0.01816 0.03668 0.05080 0.00784  -0.00913 -0.00465 10  LEU A O   
123 C CB  . LEU A 10 ? 0.02373 0.01969 0.03637 0.00312  -0.01651 -0.00488 10  LEU A CB  
124 C CG  . LEU A 10 ? 0.02581 0.02870 0.04368 0.00403  -0.01160 -0.00832 10  LEU A CG  
125 C CD1 . LEU A 10 ? 0.03379 0.03512 0.04701 0.00723  -0.00861 -0.01077 10  LEU A CD1 
126 C CD2 . LEU A 10 ? 0.03827 0.03825 0.04670 0.00981  -0.00256 -0.00421 10  LEU A CD2 
138 C C11 . I77 A 11 ? 0.02777 0.06804 0.04680 0.01105  -0.00011 -0.01577 11  I77 A C11 
139 C C12 . I77 A 11 ? 0.01783 0.03884 0.04791 0.00812  -0.00221 -0.01276 11  I77 A C12 
140 C C13 . I77 A 11 ? 0.01717 0.02814 0.03849 0.00989  -0.00637 -0.00401 11  I77 A C13 
141 C C17 . I77 A 11 ? 0.01772 0.05578 0.04902 0.00260  0.00093  -0.01669 11  I77 A C17 
142 C C18 . I77 A 11 ? 0.02201 0.07159 0.05146 0.00395  -0.00043 -0.02256 11  I77 A C18 
143 C C02 . I77 A 11 ? 0.01995 0.04755 0.04616 -0.00542 -0.00590 -0.01598 11  I77 A C02 
144 C C03 . I77 A 11 ? 0.02822 0.07747 0.05807 -0.00138 -0.00582 -0.03117 11  I77 A C03 
145 C C04 . I77 A 11 ? 0.02972 0.09727 0.06087 0.00542  -0.00188 -0.03119 11  I77 A C04 
146 C C05 . I77 A 11 ? 0.03051 0.10034 0.05281 0.00420  -0.00474 -0.03261 11  I77 A C05 
147 C C06 . I77 A 11 ? 0.03680 0.11965 0.07190 0.00141  0.00140  -0.04378 11  I77 A C06 
148 C C08 . I77 A 11 ? 0.03114 0.09932 0.05732 0.00100  -0.00322 -0.03676 11  I77 A C08 
149 C C09 . I77 A 11 ? 0.02417 0.07708 0.05560 0.00398  -0.00015 -0.02616 11  I77 A C09 
150 N N01 . I77 A 11 ? 0.02250 0.06427 0.04427 -0.00496 -0.00271 -0.01443 11  I77 A N01 
151 N N07 . I77 A 11 ? 0.04268 0.12490 0.07420 0.00341  0.00481  -0.04626 11  I77 A N07 
152 N N10 . I77 A 11 ? 0.02634 0.07766 0.04820 0.00623  -0.00069 -0.01813 11  I77 A N10 
153 N N14 . I77 A 11 ? 0.01764 0.03110 0.03957 0.01164  -0.00454 0.00166  11  I77 A N14 
154 N N15 . I77 A 11 ? 0.01786 0.02663 0.04218 0.00852  -0.00725 0.00167  11  I77 A N15 
155 O O16 . I77 A 11 ? 0.02968 0.03219 0.03313 0.01600  -0.00855 0.00186  11  I77 A O16 
156 O O19 . I77 A 11 ? 0.02106 0.05630 0.04408 -0.00054 -0.00162 -0.00922 11  I77 A O19 
167 N N   . NIO B 1  ? 0.03884 0.04372 0.04203 0.01334  0.00324  -0.00074 1   NIO B N   
168 C C1  . NIO B 1  ? 0.03006 0.02763 0.03666 0.00497  -0.00205 -0.00232 1   NIO B C1  
169 C C2  . NIO B 1  ? 0.01828 0.02314 0.03403 0.00219  -0.00816 0.00081  1   NIO B C2  
170 C C3  . NIO B 1  ? 0.02353 0.01560 0.03646 0.00395  -0.00753 0.00011  1   NIO B C3  
171 C C4  . NIO B 1  ? 0.02887 0.01336 0.03093 0.00432  -0.00587 0.00561  1   NIO B C4  
172 C C5  . NIO B 1  ? 0.03328 0.04108 0.03644 0.01076  0.00144  0.00565  1   NIO B C5  
173 C C6  . NIO B 1  ? 0.01889 0.02301 0.03816 0.00916  -0.00762 -0.00080 1   NIO B C6  
174 O O1  . NIO B 1  ? 0.01970 0.02091 0.03277 0.00785  -0.00539 0.00019  1   NIO B O1  
179 N N   . LEU B 2  ? 0.01870 0.01957 0.03787 0.00705  -0.00859 0.00061  2   LEU B N   
180 C CA  . LEU B 2  ? 0.01720 0.01640 0.03255 0.00277  -0.01046 0.00347  2   LEU B CA  
181 C C   . LEU B 2  ? 0.01674 0.02313 0.03375 0.00343  -0.01176 0.00032  2   LEU B C   
182 O O   . LEU B 2  ? 0.02842 0.01585 0.03512 0.00484  -0.01126 0.00476  2   LEU B O   
183 C CB  . LEU B 2  ? 0.01984 0.02410 0.03163 0.00822  -0.00771 0.00463  2   LEU B CB  
184 C CG  . LEU B 2  ? 0.02743 0.02169 0.03581 0.00824  -0.00451 -0.00238 2   LEU B CG  
185 C CD1 . LEU B 2  ? 0.03140 0.02431 0.04489 0.01084  -0.00589 -0.00782 2   LEU B CD1 
186 C CD2 . LEU B 2  ? 0.03695 0.02083 0.04273 0.00582  -0.00449 -0.00615 2   LEU B CD2 
197 N N   A AIB B 3  ? 0.01481 0.02355 0.03113 0.00514  -0.00863 0.00302  3   AIB B N   
198 C CA  A AIB B 3  ? 0.01853 0.02507 0.03152 0.00396  -0.00655 0.01056  3   AIB B CA  
199 C C   A AIB B 3  ? 0.02086 0.02475 0.02277 0.00142  -0.01157 0.00574  3   AIB B C   
200 O O   A AIB B 3  ? 0.02278 0.01762 0.03794 -0.00172 -0.01110 0.00950  3   AIB B O   
201 C CB1 A AIB B 3  ? 0.01933 0.03528 0.03217 0.00575  -0.00386 0.01014  3   AIB B CB1 
202 C CB2 A AIB B 3  ? 0.02559 0.03206 0.03048 0.00757  -0.00486 0.00970  3   AIB B CB2 
210 N N   . ALA B 4  ? 0.02434 0.02224 0.02275 0.00624  -0.00803 0.00829  4   ALA B N   
211 C CA  . ALA B 4  ? 0.01929 0.02200 0.02565 0.00175  -0.00871 0.00769  4   ALA B CA  
212 C C   . ALA B 4  ? 0.02062 0.01783 0.03260 0.00573  -0.00772 0.00628  4   ALA B C   
213 O O   . ALA B 4  ? 0.02119 0.02384 0.04345 0.00908  -0.00904 0.00003  4   ALA B O   
214 C CB  . ALA B 4  ? 0.02488 0.02977 0.03188 0.00560  -0.00355 0.00562  4   ALA B CB  
220 N N   . CYS B 5  ? 0.02194 0.02114 0.03177 0.00830  -0.00779 0.00600  5   CYS B N   
221 C CA  . CYS B 5  ? 0.01868 0.01490 0.03295 0.00419  -0.01135 -0.00032 5   CYS B CA  
222 C C   . CYS B 5  ? 0.01683 0.01343 0.03452 0.00348  -0.01159 -0.00400 5   CYS B C   
223 O O   . CYS B 5  ? 0.02322 0.02092 0.03145 0.00867  -0.00783 0.00609  5   CYS B O   
224 C CB  . CYS B 5  ? 0.02874 0.01553 0.03718 0.00715  -0.01046 -0.00081 5   CYS B CB  
225 S SG  . CYS B 5  ? 0.03591 0.02057 0.03549 0.00333  -0.00980 -0.00139 5   CYS B SG  
231 N N   . LEU B 6  ? 0.01907 0.01695 0.03034 0.00552  -0.01106 -0.00030 6   LEU B N   
232 C CA  . LEU B 6  ? 0.01484 0.02117 0.02923 0.00198  -0.01079 0.00042  6   LEU B CA  
233 C C   . LEU B 6  ? 0.01737 0.01657 0.03158 0.00140  -0.01125 0.00207  6   LEU B C   
234 O O   . LEU B 6  ? 0.02866 0.01831 0.02570 0.00643  -0.00809 0.00455  6   LEU B O   
235 C CB  . LEU B 6  ? 0.02232 0.01622 0.03216 0.00331  -0.01530 -0.00500 6   LEU B CB  
236 C CG  . LEU B 6  ? 0.02665 0.01601 0.02962 0.00140  -0.01271 -0.00298 6   LEU B CG  
237 C CD1 . LEU B 6  ? 0.03516 0.01305 0.03497 -0.00113 -0.01043 -0.00391 6   LEU B CD1 
238 C CD2 . LEU B 6  ? 0.02885 0.02319 0.02813 0.00469  -0.01118 -0.00231 6   LEU B CD2 
250 N N   A CYS B 7  ? 0.01234 0.02110 0.02712 0.00128  -0.00803 0.00486  7   CYS B N   
251 C CA  A CYS B 7  ? 0.02048 0.01258 0.03009 0.00132  -0.00778 0.00662  7   CYS B CA  
252 C C   A CYS B 7  ? 0.01940 0.01442 0.03091 0.00389  -0.00888 0.00425  7   CYS B C   
253 O O   A CYS B 7  ? 0.02377 0.02485 0.03984 0.01234  -0.00543 0.00420  7   CYS B O   
254 C CB  A CYS B 7  ? 0.02085 0.02338 0.04277 -0.00007 -0.01507 -0.00443 7   CYS B CB  
255 S SG  A CYS B 7  ? 0.04470 0.02127 0.05496 0.00321  -0.01740 -0.01132 7   CYS B SG  
261 N N   . CYS B 8  ? 0.02476 0.01314 0.03394 0.00601  -0.01038 -0.00277 8   CYS B N   
262 C CA  . CYS B 8  ? 0.02777 0.01489 0.03879 0.00537  -0.01399 -0.00710 8   CYS B CA  
263 C C   . CYS B 8  ? 0.02600 0.01608 0.03450 0.00809  -0.01055 -0.00139 8   CYS B C   
264 O O   . CYS B 8  ? 0.01334 0.02299 0.03701 0.00533  -0.00636 0.00029  8   CYS B O   
265 C CB  . CYS B 8  ? 0.04523 0.03046 0.03781 0.00530  -0.01914 -0.00565 8   CYS B CB  
266 S SG  . CYS B 8  ? 0.06789 0.06502 0.03766 0.00929  -0.02234 -0.00887 8   CYS B SG  
272 N N   . AIB B 9  ? 0.01877 0.01339 0.03005 0.00223  -0.01271 -0.00003 9   AIB B N   
273 C CA  . AIB B 9  ? 0.01910 0.01484 0.03369 0.00342  -0.01373 -0.00537 9   AIB B CA  
274 C C   . AIB B 9  ? 0.01710 0.01618 0.03540 0.00450  -0.01063 -0.00173 9   AIB B C   
275 O O   . AIB B 9  ? 0.01985 0.02758 0.02767 0.00640  -0.01095 0.00457  9   AIB B O   
276 C CB1 . AIB B 9  ? 0.02392 0.01685 0.04199 0.00479  -0.01580 -0.00371 9   AIB B CB1 
277 C CB2 . AIB B 9  ? 0.03018 0.02148 0.03928 0.01255  -0.00659 0.00389  9   AIB B CB2 
285 N N   . LEU B 10 ? 0.01577 0.01117 0.02762 0.00143  -0.01091 0.00034  10  LEU B N   
286 C CA  . LEU B 10 ? 0.02384 0.01432 0.02834 0.00484  -0.01241 0.00046  10  LEU B CA  
287 C C   . LEU B 10 ? 0.02515 0.01563 0.03303 0.00825  -0.00743 0.00216  10  LEU B C   
288 O O   . LEU B 10 ? 0.03804 0.01981 0.03991 0.01107  -0.00347 0.00299  10  LEU B O   
289 C CB  . LEU B 10 ? 0.02869 0.01626 0.03530 0.00672  -0.01410 -0.00152 10  LEU B CB  
290 C CG  . LEU B 10 ? 0.03448 0.01731 0.04197 0.00517  -0.00818 0.00017  10  LEU B CG  
291 C CD1 . LEU B 10 ? 0.02969 0.03507 0.04925 0.00820  -0.00593 -0.00315 10  LEU B CD1 
292 C CD2 . LEU B 10 ? 0.03816 0.03615 0.04621 0.01002  -0.00906 -0.00636 10  LEU B CD2 
304 C C11 . I77 B 11 ? 0.05723 0.02960 0.05146 0.01320  0.00629  -0.00833 11  I77 B C11 
305 C C12 . I77 B 11 ? 0.03752 0.01787 0.04464 0.00903  -0.00336 -0.00912 11  I77 B C12 
306 C C13 . I77 B 11 ? 0.03118 0.02048 0.04343 0.01203  -0.00821 -0.00235 11  I77 B C13 
307 C C17 . I77 B 11 ? 0.04597 0.02214 0.05118 0.00962  0.00095  -0.01324 11  I77 B C17 
308 C C18 . I77 B 11 ? 0.06094 0.02462 0.05794 0.01284  0.00788  -0.01012 11  I77 B C18 
309 C C02 . I77 B 11 ? 0.05583 0.01518 0.03806 0.00005  -0.00059 -0.00542 11  I77 B C02 
310 C C03 . I77 B 11 ? 0.07554 0.02053 0.04997 0.00262  0.01031  -0.00364 11  I77 B C03 
311 C C04 . I77 B 11 ? 0.09024 0.02692 0.05428 0.01000  0.01297  -0.00466 11  I77 B C04 
312 C C05 . I77 B 11 ? 0.09320 0.02792 0.05385 0.01177  0.01933  0.00156  11  I77 B C05 
313 C C06 . I77 B 11 ? 0.11357 0.03967 0.06744 0.01737  0.03531  0.00167  11  I77 B C06 
314 C C08 . I77 B 11 ? 0.09204 0.02849 0.05967 0.01065  0.02362  0.00099  11  I77 B C08 
315 C C09 . I77 B 11 ? 0.06853 0.02831 0.05851 0.01235  0.01305  -0.00590 11  I77 B C09 
316 N N01 . I77 B 11 ? 0.06928 0.02844 0.03729 0.00994  -0.00033 -0.00565 11  I77 B N01 
317 N N07 . I77 B 11 ? 0.12093 0.04395 0.07412 0.01953  0.04283  0.00471  11  I77 B N07 
318 N N10 . I77 B 11 ? 0.06694 0.03538 0.05477 0.01401  0.01051  -0.00470 11  I77 B N10 
319 N N14 . I77 B 11 ? 0.03015 0.02346 0.04079 0.01430  -0.00452 0.00497  11  I77 B N14 
320 N N15 . I77 B 11 ? 0.02671 0.02305 0.04100 0.01289  -0.00393 0.00489  11  I77 B N15 
321 O O16 . I77 B 11 ? 0.03327 0.02471 0.04191 0.01102  -0.01809 -0.00553 11  I77 B O16 
322 O O19 . I77 B 11 ? 0.05388 0.02196 0.03601 0.00281  0.00533  0.00103  11  I77 B O19 
333 N N   . CCN C .  ? 0.09277 0.07042 0.04457 0.03883  0.00089  -0.01055 201 CCN A N   
334 C C1  . CCN C .  ? 0.10855 0.08983 0.04941 0.05010  0.01072  0.00001  201 CCN A C1  
335 C C2  . CCN C .  ? 0.12581 0.11079 0.05533 0.05911  0.01320  0.00125  201 CCN A C2  
339 N N   . CCN D .  ? 0.07526 0.07232 0.04926 0.02462  -0.02330 -0.01476 202 CCN A N   
340 C C1  . CCN D .  ? 0.08860 0.10099 0.05359 0.03406  -0.02490 -0.01585 202 CCN A C1  
341 C C2  . CCN D .  ? 0.10381 0.12050 0.05601 0.04040  -0.01858 -0.00919 202 CCN A C2  
345 O O   . HOH E .  ? 0.03650 0.02792 0.05667 0.00620  -0.01451 -0.00183 301 HOH A O   
346 O O   . HOH E .  ? 0.10767 0.14634 0.12053 0.01773  0.06599  0.00009  302 HOH A O   
347 O O   . HOH E .  ? 0.20214 0.15462 0.09416 -0.06771 -0.00272 0.04321  303 HOH A O   
348 O O   . HOH F .  ? 0.04384 0.03729 0.04989 0.01171  -0.01821 -0.00563 201 HOH B O   
349 O O   . HOH F .  ? 0.12205 0.11333 0.14281 -0.01743 0.00737  -0.05070 202 HOH B O   
350 O O   . HOH F .  ? 0.15569 0.21693 0.10614 -0.05542 0.00323  -0.03398 203 HOH B O   
# 
